data_1TU8
#
_entry.id   1TU8
#
_cell.length_a   51.968
_cell.length_b   81.999
_cell.length_c   107.110
_cell.angle_alpha   90.00
_cell.angle_beta   91.23
_cell.angle_gamma   90.00
#
_symmetry.space_group_name_H-M   'P 1 21 1'
#
loop_
_entity.id
_entity.type
_entity.pdbx_description
1 polymer 'Glutathione S-transferase 2'
2 non-polymer S-HEXYLGLUTATHIONE
3 water water
#
_entity_poly.entity_id   1
_entity_poly.type   'polypeptide(L)'
_entity_poly.pdbx_seq_one_letter_code
;MSYKLTYFSIRGLAEPIRLFLVDQDIKFIDDRIAKDDFSSIKSQFQFGQLPCLYDGDQQIVQSGAILRHLARKYNLNGEN
EMETTYIDMFCEGVRDLHVKYTRMIYMAYETEKDPYIKSILPGELAKFEKLLATRGNGRNLILGDKISYADYALFEELDV
HQILDPHCLDKFPLLKVFHQRMKDRPKLKEYCEKRDAAKVPVNGNGKQ
;
_entity_poly.pdbx_strand_id   A,B,C,D
#
# COMPACT_ATOMS: atom_id res chain seq x y z
N MET A 1 -25.36 -1.96 41.45
CA MET A 1 -26.48 -2.94 41.65
C MET A 1 -27.09 -3.48 40.35
N SER A 2 -27.06 -2.73 39.25
CA SER A 2 -27.55 -3.27 37.96
C SER A 2 -26.48 -4.07 37.19
N TYR A 3 -25.21 -3.95 37.58
CA TYR A 3 -24.12 -4.75 37.01
C TYR A 3 -23.43 -5.62 38.06
N LYS A 4 -23.18 -6.88 37.74
CA LYS A 4 -22.31 -7.75 38.54
C LYS A 4 -21.30 -8.46 37.64
N LEU A 5 -20.01 -8.32 37.95
CA LEU A 5 -18.96 -9.00 37.22
C LEU A 5 -18.41 -10.13 38.08
N THR A 6 -18.68 -11.35 37.63
CA THR A 6 -18.23 -12.54 38.35
C THR A 6 -16.97 -13.09 37.70
N TYR A 7 -15.89 -13.13 38.48
CA TYR A 7 -14.62 -13.70 38.05
C TYR A 7 -13.84 -14.18 39.27
N PHE A 8 -12.69 -14.80 39.02
CA PHE A 8 -11.77 -15.18 40.08
C PHE A 8 -11.13 -13.96 40.70
N SER A 9 -10.50 -14.15 41.86
CA SER A 9 -9.93 -13.06 42.64
C SER A 9 -8.51 -12.76 42.14
N ILE A 10 -8.41 -12.49 40.84
CA ILE A 10 -7.17 -12.13 40.17
C ILE A 10 -7.50 -11.08 39.12
N ARG A 11 -6.48 -10.50 38.49
CA ARG A 11 -6.70 -9.58 37.38
C ARG A 11 -7.16 -10.35 36.13
N GLY A 12 -6.27 -11.16 35.57
CA GLY A 12 -6.60 -12.09 34.50
C GLY A 12 -7.39 -11.46 33.36
N LEU A 13 -8.37 -12.19 32.87
CA LEU A 13 -9.20 -11.78 31.73
C LEU A 13 -10.23 -10.70 32.08
N ALA A 14 -10.53 -10.55 33.36
CA ALA A 14 -11.58 -9.62 33.80
C ALA A 14 -11.08 -8.19 33.94
N GLU A 15 -9.78 -8.01 34.13
CA GLU A 15 -9.26 -6.71 34.51
C GLU A 15 -9.53 -5.57 33.51
N PRO A 16 -9.39 -5.78 32.21
CA PRO A 16 -9.80 -4.73 31.25
C PRO A 16 -11.27 -4.30 31.39
N ILE A 17 -12.14 -5.24 31.73
CA ILE A 17 -13.56 -4.94 31.95
C ILE A 17 -13.72 -4.10 33.23
N ARG A 18 -13.04 -4.49 34.29
CA ARG A 18 -13.05 -3.71 35.53
C ARG A 18 -12.56 -2.28 35.27
N LEU A 19 -11.45 -2.16 34.53
CA LEU A 19 -10.87 -0.86 34.21
C LEU A 19 -11.85 0.03 33.43
N PHE A 20 -12.52 -0.54 32.43
CA PHE A 20 -13.56 0.15 31.65
C PHE A 20 -14.67 0.65 32.59
N LEU A 21 -15.17 -0.21 33.45
CA LEU A 21 -16.29 0.15 34.32
C LEU A 21 -15.89 1.25 35.31
N VAL A 22 -14.75 1.07 35.95
CA VAL A 22 -14.25 2.03 36.93
C VAL A 22 -14.04 3.42 36.30
N ASP A 23 -13.33 3.44 35.17
CA ASP A 23 -12.97 4.70 34.53
C ASP A 23 -14.18 5.42 33.93
N GLN A 24 -15.22 4.68 33.58
CA GLN A 24 -16.44 5.28 33.04
C GLN A 24 -17.47 5.57 34.13
N ASP A 25 -17.09 5.34 35.39
CA ASP A 25 -17.94 5.51 36.58
C ASP A 25 -19.23 4.68 36.53
N ILE A 26 -19.13 3.45 36.03
CA ILE A 26 -20.24 2.51 36.00
C ILE A 26 -20.14 1.67 37.25
N LYS A 27 -21.11 1.80 38.13
CA LYS A 27 -21.12 1.10 39.41
C LYS A 27 -21.46 -0.36 39.19
N PHE A 28 -20.68 -1.25 39.81
CA PHE A 28 -20.90 -2.68 39.66
C PHE A 28 -20.47 -3.48 40.89
N ILE A 29 -21.05 -4.67 41.03
CA ILE A 29 -20.63 -5.59 42.06
C ILE A 29 -19.45 -6.35 41.49
N ASP A 30 -18.28 -6.14 42.08
CA ASP A 30 -17.08 -6.89 41.72
C ASP A 30 -17.09 -8.22 42.50
N ASP A 31 -17.71 -9.23 41.89
CA ASP A 31 -17.99 -10.53 42.50
C ASP A 31 -16.81 -11.48 42.28
N ARG A 32 -15.87 -11.42 43.22
CA ARG A 32 -14.61 -12.14 43.13
C ARG A 32 -14.75 -13.43 43.92
N ILE A 33 -14.80 -14.56 43.22
CA ILE A 33 -15.06 -15.84 43.87
C ILE A 33 -13.77 -16.60 44.19
N ALA A 34 -13.83 -17.44 45.22
CA ALA A 34 -12.73 -18.32 45.55
C ALA A 34 -12.72 -19.47 44.56
N LYS A 35 -11.53 -19.96 44.23
CA LYS A 35 -11.36 -21.04 43.25
C LYS A 35 -12.14 -22.30 43.61
N ASP A 36 -12.24 -22.61 44.90
CA ASP A 36 -12.91 -23.84 45.37
C ASP A 36 -14.43 -23.73 45.30
N ASP A 37 -14.95 -22.52 45.19
CA ASP A 37 -16.39 -22.30 45.07
C ASP A 37 -16.88 -22.41 43.63
N PHE A 38 -15.98 -22.39 42.66
CA PHE A 38 -16.41 -22.38 41.26
C PHE A 38 -17.03 -23.69 40.80
N SER A 39 -16.53 -24.81 41.30
CA SER A 39 -17.07 -26.12 40.92
C SER A 39 -18.58 -26.22 41.15
N SER A 40 -19.06 -25.61 42.22
CA SER A 40 -20.47 -25.72 42.60
C SER A 40 -21.42 -24.89 41.72
N ILE A 41 -20.92 -23.81 41.12
CA ILE A 41 -21.72 -22.93 40.27
C ILE A 41 -21.38 -23.00 38.77
N LYS A 42 -20.48 -23.91 38.40
CA LYS A 42 -19.93 -23.98 37.04
C LYS A 42 -20.99 -24.12 35.94
N SER A 43 -21.98 -24.97 36.16
CA SER A 43 -23.02 -25.23 35.14
C SER A 43 -23.98 -24.07 34.89
N GLN A 44 -23.91 -23.03 35.73
CA GLN A 44 -24.76 -21.85 35.54
C GLN A 44 -24.28 -20.96 34.38
N PHE A 45 -23.05 -21.18 33.91
CA PHE A 45 -22.45 -20.37 32.86
C PHE A 45 -22.44 -21.12 31.53
N GLN A 46 -22.68 -20.39 30.45
CA GLN A 46 -22.96 -20.99 29.14
C GLN A 46 -21.81 -21.86 28.59
N PHE A 47 -20.58 -21.52 28.96
CA PHE A 47 -19.41 -22.33 28.54
C PHE A 47 -18.66 -22.90 29.75
N GLY A 48 -19.29 -22.86 30.93
CA GLY A 48 -18.70 -23.37 32.15
C GLY A 48 -17.51 -22.58 32.65
N GLN A 49 -17.44 -21.30 32.28
CA GLN A 49 -16.26 -20.47 32.56
C GLN A 49 -16.62 -19.03 32.86
N LEU A 50 -15.65 -18.33 33.44
CA LEU A 50 -15.73 -16.92 33.81
C LEU A 50 -14.69 -16.14 33.02
N PRO A 51 -14.82 -14.82 32.86
CA PRO A 51 -15.82 -13.95 33.51
C PRO A 51 -17.25 -14.00 32.98
N CYS A 52 -18.18 -13.51 33.81
CA CYS A 52 -19.58 -13.33 33.46
C CYS A 52 -20.02 -11.94 33.88
N LEU A 53 -20.64 -11.19 32.98
CA LEU A 53 -21.27 -9.94 33.33
C LEU A 53 -22.77 -10.14 33.33
N TYR A 54 -23.39 -9.90 34.47
CA TYR A 54 -24.83 -9.80 34.56
C TYR A 54 -25.15 -8.34 34.35
N ASP A 55 -25.78 -8.05 33.21
CA ASP A 55 -26.24 -6.72 32.87
C ASP A 55 -27.77 -6.74 32.97
N GLY A 56 -28.28 -6.25 34.08
CA GLY A 56 -29.70 -6.39 34.38
C GLY A 56 -30.05 -7.86 34.38
N ASP A 57 -30.99 -8.24 33.51
CA ASP A 57 -31.45 -9.63 33.41
C ASP A 57 -30.62 -10.46 32.44
N GLN A 58 -29.70 -9.83 31.70
CA GLN A 58 -28.84 -10.51 30.72
C GLN A 58 -27.64 -11.15 31.39
N GLN A 59 -27.32 -12.38 31.02
CA GLN A 59 -26.13 -13.07 31.49
C GLN A 59 -25.17 -13.24 30.30
N ILE A 60 -24.03 -12.56 30.37
CA ILE A 60 -23.09 -12.48 29.26
C ILE A 60 -21.74 -13.01 29.69
N VAL A 61 -21.35 -14.14 29.12
CA VAL A 61 -20.00 -14.67 29.28
C VAL A 61 -19.17 -14.31 28.05
N GLN A 62 -17.88 -14.65 28.13
CA GLN A 62 -16.86 -14.39 27.11
C GLN A 62 -16.36 -12.95 27.21
N SER A 63 -15.13 -12.80 27.73
CA SER A 63 -14.56 -11.50 28.03
C SER A 63 -14.58 -10.52 26.85
N GLY A 64 -14.30 -11.00 25.64
CA GLY A 64 -14.33 -10.13 24.47
C GLY A 64 -15.72 -9.66 24.11
N ALA A 65 -16.71 -10.55 24.24
CA ALA A 65 -18.11 -10.19 23.98
C ALA A 65 -18.62 -9.21 25.04
N ILE A 66 -18.21 -9.42 26.28
CA ILE A 66 -18.57 -8.52 27.38
C ILE A 66 -18.05 -7.11 27.09
N LEU A 67 -16.77 -7.01 26.76
CA LEU A 67 -16.17 -5.69 26.58
C LEU A 67 -16.74 -4.98 25.34
N ARG A 68 -17.00 -5.73 24.28
CA ARG A 68 -17.60 -5.16 23.07
C ARG A 68 -19.03 -4.67 23.30
N HIS A 69 -19.80 -5.39 24.11
CA HIS A 69 -21.16 -5.00 24.49
C HIS A 69 -21.15 -3.70 25.30
N LEU A 70 -20.26 -3.61 26.29
CA LEU A 70 -20.13 -2.39 27.09
C LEU A 70 -19.70 -1.20 26.22
N ALA A 71 -18.77 -1.43 25.30
CA ALA A 71 -18.33 -0.40 24.38
C ALA A 71 -19.51 0.16 23.54
N ARG A 72 -20.37 -0.72 23.04
CA ARG A 72 -21.54 -0.27 22.28
C ARG A 72 -22.48 0.54 23.17
N LYS A 73 -22.72 0.02 24.35
CA LYS A 73 -23.71 0.57 25.25
C LYS A 73 -23.33 1.96 25.77
N TYR A 74 -22.03 2.21 25.93
CA TYR A 74 -21.52 3.46 26.47
C TYR A 74 -20.72 4.31 25.44
N ASN A 75 -20.87 4.00 24.16
CA ASN A 75 -20.31 4.82 23.08
C ASN A 75 -18.79 4.94 23.14
N LEU A 76 -18.14 3.82 23.45
CA LEU A 76 -16.68 3.70 23.43
C LEU A 76 -16.27 2.70 22.33
N ASN A 77 -17.03 2.69 21.24
CA ASN A 77 -16.87 1.69 20.16
C ASN A 77 -16.43 2.31 18.83
N GLY A 78 -15.89 3.52 18.86
CA GLY A 78 -15.53 4.24 17.65
C GLY A 78 -16.69 5.03 17.11
N GLU A 79 -16.40 5.97 16.21
CA GLU A 79 -17.43 6.88 15.67
C GLU A 79 -17.83 6.56 14.21
N ASN A 80 -17.17 5.59 13.60
CA ASN A 80 -17.54 5.11 12.26
C ASN A 80 -17.01 3.69 12.01
N GLU A 81 -17.36 3.10 10.87
CA GLU A 81 -17.02 1.69 10.59
C GLU A 81 -15.52 1.41 10.66
N MET A 82 -14.70 2.31 10.12
CA MET A 82 -13.26 2.11 10.11
C MET A 82 -12.69 2.16 11.53
N GLU A 83 -13.17 3.08 12.36
CA GLU A 83 -12.71 3.17 13.75
C GLU A 83 -13.10 1.92 14.56
N THR A 84 -14.35 1.49 14.41
CA THR A 84 -14.89 0.31 15.10
C THR A 84 -14.10 -0.94 14.71
N THR A 85 -13.81 -1.07 13.41
CA THR A 85 -13.01 -2.16 12.91
C THR A 85 -11.58 -2.08 13.47
N TYR A 86 -11.01 -0.88 13.44
CA TYR A 86 -9.60 -0.70 13.84
C TYR A 86 -9.38 -1.07 15.30
N ILE A 87 -10.24 -0.61 16.19
CA ILE A 87 -10.09 -0.91 17.61
C ILE A 87 -10.35 -2.39 17.89
N ASP A 88 -11.22 -3.02 17.10
CA ASP A 88 -11.45 -4.46 17.20
C ASP A 88 -10.16 -5.21 16.85
N MET A 89 -9.60 -4.88 15.69
CA MET A 89 -8.33 -5.45 15.24
C MET A 89 -7.23 -5.28 16.28
N PHE A 90 -7.14 -4.08 16.85
CA PHE A 90 -6.10 -3.72 17.81
C PHE A 90 -6.31 -4.53 19.07
N CYS A 91 -7.54 -4.59 19.54
CA CYS A 91 -7.86 -5.30 20.77
C CYS A 91 -7.63 -6.81 20.61
N GLU A 92 -7.95 -7.36 19.43
CA GLU A 92 -7.67 -8.76 19.17
C GLU A 92 -6.17 -9.05 19.19
N GLY A 93 -5.36 -8.11 18.71
CA GLY A 93 -3.92 -8.24 18.82
C GLY A 93 -3.44 -8.29 20.26
N VAL A 94 -4.02 -7.44 21.10
CA VAL A 94 -3.74 -7.44 22.54
C VAL A 94 -4.03 -8.80 23.15
N ARG A 95 -5.19 -9.38 22.81
CA ARG A 95 -5.54 -10.73 23.26
C ARG A 95 -4.53 -11.81 22.83
N ASP A 96 -3.99 -11.69 21.62
CA ASP A 96 -2.96 -12.59 21.11
C ASP A 96 -1.72 -12.53 21.97
N LEU A 97 -1.31 -11.32 22.35
CA LEU A 97 -0.17 -11.17 23.25
C LEU A 97 -0.48 -11.80 24.60
N HIS A 98 -1.72 -11.61 25.08
CA HIS A 98 -2.10 -12.17 26.37
C HIS A 98 -2.07 -13.70 26.35
N VAL A 99 -2.42 -14.30 25.22
CA VAL A 99 -2.34 -15.76 25.07
C VAL A 99 -0.90 -16.24 25.22
N LYS A 100 0.03 -15.53 24.58
CA LYS A 100 1.46 -15.88 24.69
C LYS A 100 1.93 -15.75 26.13
N TYR A 101 1.54 -14.64 26.76
CA TYR A 101 1.86 -14.36 28.15
C TYR A 101 1.34 -15.44 29.09
N THR A 102 0.05 -15.80 28.98
CA THR A 102 -0.53 -16.74 29.94
C THR A 102 -0.03 -18.17 29.73
N ARG A 103 0.27 -18.53 28.48
CA ARG A 103 0.86 -19.83 28.20
C ARG A 103 2.18 -19.98 28.94
N MET A 104 3.02 -18.95 28.87
CA MET A 104 4.28 -18.93 29.60
C MET A 104 4.05 -18.98 31.12
N ILE A 105 3.13 -18.14 31.61
CA ILE A 105 2.85 -18.03 33.05
C ILE A 105 2.39 -19.36 33.66
N TYR A 106 1.41 -19.98 33.01
CA TYR A 106 0.75 -21.18 33.54
C TYR A 106 1.44 -22.51 33.20
N MET A 107 2.18 -22.58 32.09
CA MET A 107 2.72 -23.84 31.61
C MET A 107 4.25 -23.98 31.68
N ALA A 108 4.97 -22.86 31.81
CA ALA A 108 6.44 -22.90 31.70
C ALA A 108 7.13 -21.65 32.25
N TYR A 109 6.72 -21.17 33.41
CA TYR A 109 7.24 -19.91 33.95
C TYR A 109 8.76 -19.95 34.19
N GLU A 110 9.25 -21.08 34.69
CA GLU A 110 10.64 -21.18 35.11
C GLU A 110 11.62 -21.33 33.95
N THR A 111 11.17 -22.00 32.89
CA THR A 111 12.04 -22.26 31.73
C THR A 111 11.83 -21.27 30.56
N GLU A 112 10.68 -20.61 30.52
CA GLU A 112 10.33 -19.80 29.34
C GLU A 112 10.19 -18.30 29.60
N LYS A 113 10.26 -17.89 30.86
CA LYS A 113 10.14 -16.46 31.19
C LYS A 113 11.25 -15.63 30.54
N ASP A 114 12.50 -16.08 30.68
CA ASP A 114 13.63 -15.32 30.16
C ASP A 114 13.67 -15.27 28.62
N PRO A 115 13.51 -16.40 27.92
CA PRO A 115 13.36 -16.38 26.46
C PRO A 115 12.15 -15.55 25.98
N TYR A 116 11.06 -15.55 26.75
CA TYR A 116 9.90 -14.70 26.42
C TYR A 116 10.27 -13.21 26.47
N ILE A 117 10.93 -12.80 27.54
CA ILE A 117 11.30 -11.40 27.72
C ILE A 117 12.29 -10.92 26.66
N LYS A 118 13.24 -11.80 26.30
CA LYS A 118 14.34 -11.43 25.43
C LYS A 118 14.04 -11.62 23.95
N SER A 119 13.28 -12.65 23.62
CA SER A 119 13.18 -13.13 22.24
C SER A 119 11.76 -13.20 21.64
N ILE A 120 10.72 -12.98 22.44
CA ILE A 120 9.33 -12.91 21.96
C ILE A 120 8.73 -11.53 22.18
N LEU A 121 8.80 -11.07 23.42
CA LEU A 121 8.10 -9.86 23.83
C LEU A 121 8.49 -8.61 23.03
N PRO A 122 9.78 -8.35 22.82
CA PRO A 122 10.17 -7.15 22.08
C PRO A 122 9.56 -7.07 20.66
N GLY A 123 9.58 -8.15 19.90
CA GLY A 123 8.98 -8.17 18.58
C GLY A 123 7.47 -7.95 18.62
N GLU A 124 6.83 -8.46 19.66
CA GLU A 124 5.39 -8.27 19.82
C GLU A 124 5.03 -6.82 20.19
N LEU A 125 5.80 -6.22 21.07
CA LEU A 125 5.60 -4.83 21.44
C LEU A 125 5.88 -3.90 20.26
N ALA A 126 6.86 -4.25 19.43
CA ALA A 126 7.22 -3.42 18.27
C ALA A 126 6.04 -3.32 17.31
N LYS A 127 5.27 -4.40 17.19
CA LYS A 127 4.07 -4.40 16.35
C LYS A 127 3.06 -3.38 16.86
N PHE A 128 2.86 -3.36 18.18
CA PHE A 128 1.96 -2.39 18.79
C PHE A 128 2.47 -0.94 18.69
N GLU A 129 3.78 -0.74 18.85
CA GLU A 129 4.41 0.58 18.74
C GLU A 129 4.19 1.18 17.34
N LYS A 130 4.37 0.35 16.31
CA LYS A 130 4.16 0.77 14.94
C LYS A 130 2.68 1.07 14.68
N LEU A 131 1.80 0.19 15.16
CA LEU A 131 0.36 0.30 14.92
C LEU A 131 -0.22 1.50 15.63
N LEU A 132 0.22 1.73 16.86
CA LEU A 132 -0.30 2.83 17.66
C LEU A 132 -0.12 4.14 16.90
N ALA A 133 0.99 4.26 16.19
CA ALA A 133 1.32 5.49 15.45
C ALA A 133 0.40 5.84 14.27
N THR A 134 -0.49 4.94 13.85
CA THR A 134 -1.33 5.21 12.67
C THR A 134 -2.48 6.21 12.93
N ARG A 135 -2.80 6.46 14.19
CA ARG A 135 -3.84 7.42 14.55
C ARG A 135 -3.31 8.40 15.60
N GLY A 136 -3.34 9.69 15.27
CA GLY A 136 -2.84 10.72 16.16
C GLY A 136 -1.34 10.66 16.37
N ASN A 137 -0.62 10.11 15.38
CA ASN A 137 0.79 9.77 15.51
C ASN A 137 1.10 8.87 16.73
N GLY A 138 0.06 8.25 17.27
CA GLY A 138 0.18 7.39 18.43
C GLY A 138 0.54 8.13 19.71
N ARG A 139 0.33 9.45 19.74
CA ARG A 139 0.78 10.29 20.84
C ARG A 139 -0.31 10.59 21.89
N ASN A 140 -1.51 10.04 21.70
CA ASN A 140 -2.59 10.13 22.68
C ASN A 140 -3.15 8.71 22.93
N LEU A 141 -4.37 8.42 22.47
CA LEU A 141 -4.99 7.12 22.70
C LEU A 141 -5.07 6.37 21.38
N ILE A 142 -5.60 5.16 21.39
CA ILE A 142 -5.60 4.34 20.18
C ILE A 142 -6.32 5.02 18.99
N LEU A 143 -7.45 5.70 19.27
CA LEU A 143 -8.18 6.41 18.20
C LEU A 143 -7.74 7.86 18.02
N GLY A 144 -6.72 8.29 18.74
CA GLY A 144 -6.32 9.69 18.77
C GLY A 144 -6.89 10.32 20.02
N ASP A 145 -7.84 11.25 19.89
CA ASP A 145 -8.33 11.98 21.05
C ASP A 145 -9.42 11.27 21.85
N LYS A 146 -10.15 10.34 21.24
CA LYS A 146 -11.28 9.72 21.92
C LYS A 146 -10.90 8.36 22.47
N ILE A 147 -11.20 8.15 23.76
CA ILE A 147 -10.94 6.86 24.39
C ILE A 147 -11.90 5.82 23.82
N SER A 148 -11.46 4.58 23.85
CA SER A 148 -12.26 3.44 23.40
C SER A 148 -11.95 2.23 24.27
N TYR A 149 -12.72 1.16 24.13
CA TYR A 149 -12.55 -0.01 24.97
C TYR A 149 -11.16 -0.62 24.81
N ALA A 150 -10.59 -0.51 23.61
CA ALA A 150 -9.28 -1.08 23.35
C ALA A 150 -8.18 -0.46 24.21
N ASP A 151 -8.34 0.81 24.58
CA ASP A 151 -7.34 1.48 25.41
C ASP A 151 -7.20 0.75 26.76
N TYR A 152 -8.30 0.29 27.34
CA TYR A 152 -8.21 -0.40 28.63
C TYR A 152 -7.49 -1.75 28.53
N ALA A 153 -7.73 -2.46 27.43
CA ALA A 153 -7.07 -3.73 27.20
C ALA A 153 -5.57 -3.52 26.97
N LEU A 154 -5.19 -2.55 26.14
CA LEU A 154 -3.76 -2.30 25.90
C LEU A 154 -3.08 -1.88 27.20
N PHE A 155 -3.74 -1.02 27.97
CA PHE A 155 -3.18 -0.54 29.23
C PHE A 155 -2.87 -1.71 30.19
N GLU A 156 -3.85 -2.58 30.41
CA GLU A 156 -3.65 -3.74 31.30
C GLU A 156 -2.55 -4.67 30.77
N GLU A 157 -2.50 -4.90 29.46
CA GLU A 157 -1.49 -5.79 28.90
C GLU A 157 -0.09 -5.20 29.09
N LEU A 158 0.06 -3.90 28.84
CA LEU A 158 1.33 -3.23 29.06
C LEU A 158 1.72 -3.26 30.54
N ASP A 159 0.75 -3.07 31.44
CA ASP A 159 1.04 -3.04 32.87
C ASP A 159 1.53 -4.40 33.38
N VAL A 160 0.85 -5.48 32.99
CA VAL A 160 1.25 -6.82 33.46
C VAL A 160 2.60 -7.21 32.88
N HIS A 161 2.91 -6.74 31.68
CA HIS A 161 4.23 -7.00 31.12
C HIS A 161 5.34 -6.20 31.79
N GLN A 162 5.00 -5.01 32.31
CA GLN A 162 5.97 -4.20 33.06
C GLN A 162 6.24 -4.81 34.45
N ILE A 163 5.26 -5.52 35.00
CA ILE A 163 5.49 -6.31 36.21
C ILE A 163 6.45 -7.46 35.92
N LEU A 164 6.24 -8.13 34.79
CA LEU A 164 7.08 -9.23 34.37
C LEU A 164 8.52 -8.78 34.07
N ASP A 165 8.63 -7.70 33.30
CA ASP A 165 9.91 -7.13 32.91
C ASP A 165 9.81 -5.61 33.03
N PRO A 166 10.27 -5.06 34.16
CA PRO A 166 10.18 -3.60 34.39
C PRO A 166 10.70 -2.72 33.27
N HIS A 167 11.63 -3.21 32.47
CA HIS A 167 12.28 -2.41 31.43
C HIS A 167 11.70 -2.63 30.01
N CYS A 168 10.62 -3.39 29.88
CA CYS A 168 10.15 -3.81 28.54
C CYS A 168 9.70 -2.68 27.63
N LEU A 169 9.25 -1.57 28.20
CA LEU A 169 8.81 -0.40 27.42
C LEU A 169 9.88 0.70 27.25
N ASP A 170 11.08 0.50 27.79
CA ASP A 170 12.16 1.51 27.70
C ASP A 170 12.40 2.03 26.28
N LYS A 171 12.36 1.14 25.28
CA LYS A 171 12.70 1.50 23.91
C LYS A 171 11.49 1.65 23.00
N PHE A 172 10.30 1.72 23.61
CA PHE A 172 9.05 1.93 22.89
C PHE A 172 8.38 3.20 23.43
N PRO A 173 8.81 4.37 22.94
CA PRO A 173 8.34 5.64 23.52
C PRO A 173 6.82 5.83 23.45
N LEU A 174 6.18 5.47 22.35
CA LEU A 174 4.72 5.62 22.26
C LEU A 174 3.95 4.75 23.27
N LEU A 175 4.33 3.48 23.41
CA LEU A 175 3.67 2.58 24.35
C LEU A 175 3.95 3.01 25.78
N LYS A 176 5.19 3.44 26.02
CA LYS A 176 5.59 3.89 27.35
C LYS A 176 4.74 5.07 27.78
N VAL A 177 4.58 6.03 26.88
CA VAL A 177 3.83 7.25 27.16
C VAL A 177 2.33 6.99 27.24
N PHE A 178 1.83 6.09 26.40
CA PHE A 178 0.45 5.64 26.50
C PHE A 178 0.17 5.05 27.89
N HIS A 179 1.08 4.21 28.40
CA HIS A 179 0.95 3.63 29.72
C HIS A 179 0.92 4.73 30.80
N GLN A 180 1.82 5.69 30.68
CA GLN A 180 1.88 6.84 31.58
C GLN A 180 0.57 7.61 31.54
N ARG A 181 0.06 7.83 30.33
CA ARG A 181 -1.14 8.64 30.14
C ARG A 181 -2.34 7.97 30.81
N MET A 182 -2.48 6.67 30.57
CA MET A 182 -3.60 5.92 31.11
C MET A 182 -3.54 5.84 32.64
N LYS A 183 -2.36 5.56 33.18
CA LYS A 183 -2.20 5.44 34.64
C LYS A 183 -2.49 6.76 35.38
N ASP A 184 -2.35 7.88 34.68
CA ASP A 184 -2.63 9.20 35.25
C ASP A 184 -4.10 9.62 35.21
N ARG A 185 -4.95 8.89 34.50
CA ARG A 185 -6.39 9.16 34.53
C ARG A 185 -6.86 8.95 35.99
N PRO A 186 -7.44 9.96 36.62
CA PRO A 186 -7.70 9.90 38.09
C PRO A 186 -8.48 8.70 38.62
N LYS A 187 -9.54 8.28 37.93
CA LYS A 187 -10.29 7.10 38.38
C LYS A 187 -9.46 5.82 38.29
N LEU A 188 -8.68 5.67 37.21
CA LEU A 188 -7.77 4.53 37.10
C LEU A 188 -6.62 4.58 38.12
N LYS A 189 -6.07 5.77 38.34
CA LYS A 189 -4.99 5.97 39.28
C LYS A 189 -5.37 5.49 40.67
N GLU A 190 -6.54 5.93 41.13
CA GLU A 190 -7.08 5.57 42.44
C GLU A 190 -7.32 4.06 42.54
N TYR A 191 -8.00 3.50 41.54
CA TYR A 191 -8.35 2.09 41.53
C TYR A 191 -7.12 1.21 41.50
N CYS A 192 -6.17 1.53 40.63
CA CYS A 192 -4.99 0.71 40.42
C CYS A 192 -4.06 0.73 41.65
N GLU A 193 -3.94 1.88 42.29
CA GLU A 193 -3.10 2.01 43.49
C GLU A 193 -3.67 1.24 44.68
N LYS A 194 -4.99 1.25 44.84
CA LYS A 194 -5.65 0.43 45.87
C LYS A 194 -5.49 -1.07 45.58
N ARG A 195 -5.65 -1.45 44.32
CA ARG A 195 -5.49 -2.83 43.89
C ARG A 195 -4.07 -3.33 44.17
N ASP A 196 -3.09 -2.51 43.87
CA ASP A 196 -1.70 -2.90 43.96
C ASP A 196 -1.17 -2.86 45.42
N ALA A 197 -1.72 -1.97 46.24
CA ALA A 197 -1.44 -1.97 47.69
C ALA A 197 -2.07 -3.21 48.36
N ALA A 198 -3.19 -3.69 47.82
CA ALA A 198 -3.82 -4.93 48.28
C ALA A 198 -3.17 -6.20 47.71
N LYS A 199 -2.15 -6.04 46.86
CA LYS A 199 -1.36 -7.15 46.30
C LYS A 199 -2.25 -8.13 45.54
N VAL A 200 -3.21 -7.60 44.79
CA VAL A 200 -4.06 -8.44 43.96
C VAL A 200 -3.14 -9.16 42.98
N PRO A 201 -3.22 -10.48 42.90
CA PRO A 201 -2.39 -11.23 41.95
C PRO A 201 -2.85 -11.02 40.52
N VAL A 202 -1.90 -11.03 39.58
CA VAL A 202 -2.21 -10.90 38.16
C VAL A 202 -2.86 -12.17 37.67
N ASN A 203 -2.34 -13.31 38.16
CA ASN A 203 -2.68 -14.63 37.66
C ASN A 203 -3.08 -15.59 38.79
N GLY A 204 -3.62 -16.74 38.41
CA GLY A 204 -4.19 -17.67 39.38
C GLY A 204 -3.22 -18.62 40.05
N ASN A 205 -1.97 -18.63 39.58
CA ASN A 205 -0.96 -19.57 40.08
C ASN A 205 0.12 -18.87 40.90
N GLY A 206 -0.08 -17.60 41.22
CA GLY A 206 0.85 -16.83 42.04
C GLY A 206 2.14 -16.40 41.37
N LYS A 207 2.22 -16.51 40.04
CA LYS A 207 3.39 -16.09 39.28
C LYS A 207 3.05 -14.87 38.41
N GLN A 208 4.02 -13.97 38.25
CA GLN A 208 3.85 -12.75 37.46
C GLN A 208 5.18 -12.05 37.19
N MET B 1 -10.60 -7.41 -8.35
CA MET B 1 -11.74 -7.32 -7.38
C MET B 1 -11.38 -6.52 -6.13
N SER B 2 -12.42 -5.96 -5.50
CA SER B 2 -12.29 -5.10 -4.33
C SER B 2 -12.10 -5.82 -2.99
N TYR B 3 -12.64 -7.03 -2.83
CA TYR B 3 -12.31 -7.83 -1.65
C TYR B 3 -11.22 -8.84 -2.01
N LYS B 4 -10.17 -8.91 -1.19
CA LYS B 4 -9.16 -9.95 -1.29
C LYS B 4 -8.85 -10.50 0.12
N LEU B 5 -8.87 -11.81 0.25
CA LEU B 5 -8.58 -12.48 1.51
C LEU B 5 -7.28 -13.26 1.35
N THR B 6 -6.27 -12.87 2.12
CA THR B 6 -4.96 -13.49 2.09
C THR B 6 -4.77 -14.40 3.27
N TYR B 7 -4.45 -15.65 2.99
CA TYR B 7 -4.20 -16.66 4.01
C TYR B 7 -3.40 -17.80 3.40
N PHE B 8 -2.98 -18.75 4.23
CA PHE B 8 -2.31 -19.94 3.75
C PHE B 8 -3.29 -20.86 3.02
N SER B 9 -2.75 -21.85 2.30
CA SER B 9 -3.55 -22.75 1.48
C SER B 9 -4.07 -23.93 2.31
N ILE B 10 -4.79 -23.57 3.37
CA ILE B 10 -5.43 -24.50 4.27
C ILE B 10 -6.74 -23.83 4.71
N ARG B 11 -7.59 -24.59 5.40
CA ARG B 11 -8.83 -24.05 5.93
C ARG B 11 -8.51 -23.13 7.11
N GLY B 12 -8.01 -23.71 8.20
CA GLY B 12 -7.53 -22.91 9.32
C GLY B 12 -8.49 -21.81 9.78
N LEU B 13 -7.92 -20.64 10.09
CA LEU B 13 -8.65 -19.50 10.64
C LEU B 13 -9.48 -18.74 9.63
N ALA B 14 -9.16 -18.87 8.35
CA ALA B 14 -9.78 -18.08 7.30
C ALA B 14 -11.06 -18.71 6.83
N GLU B 15 -11.25 -20.01 7.08
CA GLU B 15 -12.34 -20.72 6.43
C GLU B 15 -13.72 -20.15 6.77
N PRO B 16 -14.03 -19.77 8.02
CA PRO B 16 -15.33 -19.13 8.30
C PRO B 16 -15.58 -17.86 7.50
N ILE B 17 -14.52 -17.09 7.24
CA ILE B 17 -14.59 -15.88 6.41
C ILE B 17 -14.88 -16.26 4.97
N ARG B 18 -14.16 -17.25 4.45
CA ARG B 18 -14.43 -17.74 3.10
C ARG B 18 -15.89 -18.18 2.99
N LEU B 19 -16.36 -18.94 3.98
CA LEU B 19 -17.73 -19.45 3.99
C LEU B 19 -18.76 -18.33 3.98
N PHE B 20 -18.52 -17.28 4.79
CA PHE B 20 -19.36 -16.08 4.83
C PHE B 20 -19.47 -15.48 3.44
N LEU B 21 -18.33 -15.28 2.79
CA LEU B 21 -18.29 -14.63 1.48
C LEU B 21 -18.94 -15.51 0.40
N VAL B 22 -18.65 -16.79 0.42
CA VAL B 22 -19.21 -17.70 -0.57
C VAL B 22 -20.73 -17.76 -0.42
N ASP B 23 -21.21 -17.89 0.82
CA ASP B 23 -22.63 -18.06 1.07
C ASP B 23 -23.41 -16.78 0.74
N GLN B 24 -22.80 -15.63 1.00
CA GLN B 24 -23.44 -14.35 0.72
C GLN B 24 -23.23 -13.90 -0.73
N ASP B 25 -22.47 -14.69 -1.49
CA ASP B 25 -22.15 -14.41 -2.89
C ASP B 25 -21.45 -13.07 -3.08
N ILE B 26 -20.54 -12.78 -2.15
CA ILE B 26 -19.65 -11.64 -2.24
C ILE B 26 -18.41 -12.16 -2.98
N LYS B 27 -18.18 -11.64 -4.18
CA LYS B 27 -17.04 -12.06 -4.98
C LYS B 27 -15.77 -11.51 -4.36
N PHE B 28 -14.75 -12.35 -4.27
CA PHE B 28 -13.48 -12.00 -3.67
C PHE B 28 -12.33 -12.80 -4.26
N ILE B 29 -11.14 -12.23 -4.16
CA ILE B 29 -9.91 -12.93 -4.50
C ILE B 29 -9.52 -13.77 -3.30
N ASP B 30 -9.55 -15.09 -3.46
CA ASP B 30 -9.09 -16.02 -2.44
C ASP B 30 -7.61 -16.22 -2.65
N ASP B 31 -6.83 -15.38 -1.98
CA ASP B 31 -5.39 -15.27 -2.18
C ASP B 31 -4.67 -16.26 -1.24
N ARG B 32 -4.38 -17.45 -1.75
CA ARG B 32 -3.77 -18.52 -0.96
C ARG B 32 -2.27 -18.58 -1.18
N ILE B 33 -1.52 -18.37 -0.10
CA ILE B 33 -0.07 -18.19 -0.14
C ILE B 33 0.61 -19.51 0.18
N ALA B 34 1.77 -19.79 -0.44
CA ALA B 34 2.64 -20.91 -0.01
C ALA B 34 3.39 -20.49 1.27
N LYS B 35 3.59 -21.48 2.16
CA LYS B 35 4.26 -21.29 3.49
C LYS B 35 5.65 -20.60 3.36
N ASP B 36 6.40 -20.97 2.32
CA ASP B 36 7.77 -20.42 2.11
C ASP B 36 7.74 -18.99 1.60
N ASP B 37 6.68 -18.55 0.97
CA ASP B 37 6.55 -17.19 0.48
C ASP B 37 6.17 -16.17 1.58
N PHE B 38 5.78 -16.65 2.76
CA PHE B 38 5.26 -15.72 3.78
C PHE B 38 6.32 -14.78 4.37
N SER B 39 7.51 -15.31 4.62
CA SER B 39 8.60 -14.52 5.22
C SER B 39 8.83 -13.20 4.49
N SER B 40 8.79 -13.24 3.17
CA SER B 40 9.11 -12.07 2.36
C SER B 40 8.01 -11.00 2.43
N ILE B 41 6.79 -11.37 2.83
CA ILE B 41 5.69 -10.40 2.93
C ILE B 41 5.16 -10.14 4.34
N LYS B 42 5.68 -10.82 5.37
CA LYS B 42 5.04 -10.78 6.69
C LYS B 42 5.03 -9.39 7.32
N SER B 43 6.03 -8.57 7.01
CA SER B 43 6.11 -7.22 7.58
C SER B 43 4.99 -6.28 7.07
N GLN B 44 4.31 -6.67 6.00
CA GLN B 44 3.17 -5.90 5.48
C GLN B 44 1.90 -6.01 6.34
N PHE B 45 1.87 -6.99 7.24
CA PHE B 45 0.68 -7.21 8.07
C PHE B 45 0.93 -6.73 9.47
N GLN B 46 -0.09 -6.13 10.06
CA GLN B 46 0.03 -5.36 11.31
C GLN B 46 0.50 -6.19 12.52
N PHE B 47 0.19 -7.48 12.57
CA PHE B 47 0.75 -8.35 13.61
C PHE B 47 1.64 -9.47 13.05
N GLY B 48 2.03 -9.33 11.79
CA GLY B 48 2.91 -10.29 11.14
C GLY B 48 2.26 -11.62 10.83
N GLN B 49 0.93 -11.62 10.76
CA GLN B 49 0.17 -12.86 10.61
C GLN B 49 -1.03 -12.71 9.66
N LEU B 50 -1.58 -13.85 9.28
CA LEU B 50 -2.75 -13.94 8.42
C LEU B 50 -3.87 -14.62 9.20
N PRO B 51 -5.15 -14.50 8.82
CA PRO B 51 -5.61 -13.88 7.57
C PRO B 51 -5.63 -12.36 7.55
N CYS B 52 -5.67 -11.83 6.33
CA CYS B 52 -5.83 -10.40 6.09
C CYS B 52 -6.90 -10.21 5.04
N LEU B 53 -7.87 -9.35 5.33
CA LEU B 53 -8.86 -8.92 4.36
C LEU B 53 -8.54 -7.53 3.86
N TYR B 54 -8.34 -7.40 2.57
CA TYR B 54 -8.31 -6.11 1.92
C TYR B 54 -9.72 -5.80 1.47
N ASP B 55 -10.28 -4.71 1.99
CA ASP B 55 -11.61 -4.25 1.61
C ASP B 55 -11.44 -2.88 1.00
N GLY B 56 -11.45 -2.82 -0.33
CA GLY B 56 -11.02 -1.61 -1.01
C GLY B 56 -9.63 -1.23 -0.51
N ASP B 57 -9.49 0.01 -0.04
CA ASP B 57 -8.19 0.51 0.42
C ASP B 57 -7.89 0.20 1.89
N GLN B 58 -8.77 -0.57 2.55
CA GLN B 58 -8.58 -0.90 3.96
C GLN B 58 -7.94 -2.26 4.11
N GLN B 59 -6.90 -2.35 4.95
CA GLN B 59 -6.23 -3.60 5.24
C GLN B 59 -6.57 -4.02 6.66
N ILE B 60 -7.28 -5.13 6.78
CA ILE B 60 -7.83 -5.60 8.06
C ILE B 60 -7.29 -6.99 8.36
N VAL B 61 -6.51 -7.11 9.42
CA VAL B 61 -6.13 -8.41 9.94
C VAL B 61 -7.00 -8.75 11.18
N GLN B 62 -6.73 -9.93 11.77
CA GLN B 62 -7.47 -10.51 12.90
C GLN B 62 -8.81 -11.09 12.44
N SER B 63 -8.91 -12.42 12.43
CA SER B 63 -10.06 -13.10 11.87
C SER B 63 -11.39 -12.65 12.48
N GLY B 64 -11.44 -12.48 13.80
CA GLY B 64 -12.66 -12.04 14.45
C GLY B 64 -13.08 -10.63 14.06
N ALA B 65 -12.12 -9.74 13.92
CA ALA B 65 -12.39 -8.38 13.45
C ALA B 65 -12.81 -8.34 11.98
N ILE B 66 -12.22 -9.19 11.15
CA ILE B 66 -12.61 -9.32 9.75
C ILE B 66 -14.09 -9.73 9.69
N LEU B 67 -14.44 -10.77 10.43
CA LEU B 67 -15.80 -11.32 10.42
C LEU B 67 -16.84 -10.32 10.89
N ARG B 68 -16.52 -9.59 11.96
CA ARG B 68 -17.45 -8.63 12.51
C ARG B 68 -17.62 -7.43 11.58
N HIS B 69 -16.56 -7.06 10.88
CA HIS B 69 -16.62 -5.97 9.93
C HIS B 69 -17.54 -6.34 8.75
N LEU B 70 -17.34 -7.53 8.20
CA LEU B 70 -18.19 -8.01 7.10
C LEU B 70 -19.65 -8.13 7.55
N ALA B 71 -19.84 -8.61 8.77
CA ALA B 71 -21.17 -8.77 9.39
C ALA B 71 -21.92 -7.44 9.46
N ARG B 72 -21.25 -6.40 9.93
CA ARG B 72 -21.84 -5.06 9.94
C ARG B 72 -22.20 -4.58 8.55
N LYS B 73 -21.29 -4.77 7.59
CA LYS B 73 -21.53 -4.29 6.22
C LYS B 73 -22.70 -5.00 5.55
N TYR B 74 -22.86 -6.29 5.85
CA TYR B 74 -23.85 -7.11 5.16
C TYR B 74 -25.05 -7.48 6.07
N ASN B 75 -25.19 -6.77 7.20
CA ASN B 75 -26.34 -6.94 8.09
C ASN B 75 -26.48 -8.35 8.65
N LEU B 76 -25.35 -8.99 8.95
CA LEU B 76 -25.31 -10.31 9.56
C LEU B 76 -24.76 -10.22 11.01
N ASN B 77 -25.00 -9.09 11.67
CA ASN B 77 -24.51 -8.81 13.01
C ASN B 77 -25.65 -8.75 14.05
N GLY B 78 -26.79 -9.36 13.72
CA GLY B 78 -27.97 -9.27 14.56
C GLY B 78 -28.81 -8.02 14.30
N GLU B 79 -30.06 -8.05 14.76
CA GLU B 79 -31.02 -6.96 14.53
C GLU B 79 -31.14 -5.97 15.70
N ASN B 80 -30.68 -6.35 16.89
CA ASN B 80 -30.62 -5.46 18.05
C ASN B 80 -29.40 -5.79 18.90
N GLU B 81 -29.18 -5.00 19.95
CA GLU B 81 -27.99 -5.12 20.81
C GLU B 81 -27.84 -6.51 21.41
N MET B 82 -28.95 -7.08 21.87
CA MET B 82 -28.93 -8.37 22.53
C MET B 82 -28.55 -9.48 21.56
N GLU B 83 -29.03 -9.40 20.31
CA GLU B 83 -28.68 -10.38 19.30
C GLU B 83 -27.20 -10.25 18.95
N THR B 84 -26.72 -9.01 18.82
CA THR B 84 -25.32 -8.72 18.49
C THR B 84 -24.40 -9.30 19.56
N THR B 85 -24.78 -9.12 20.82
CA THR B 85 -24.01 -9.66 21.93
C THR B 85 -24.04 -11.17 21.94
N TYR B 86 -25.21 -11.73 21.66
CA TYR B 86 -25.40 -13.17 21.75
C TYR B 86 -24.56 -13.90 20.70
N ILE B 87 -24.60 -13.42 19.45
CA ILE B 87 -23.84 -14.11 18.40
C ILE B 87 -22.35 -13.94 18.64
N ASP B 88 -21.95 -12.82 19.23
CA ASP B 88 -20.54 -12.57 19.58
C ASP B 88 -20.10 -13.57 20.64
N MET B 89 -20.85 -13.65 21.73
CA MET B 89 -20.63 -14.65 22.75
C MET B 89 -20.56 -16.07 22.19
N PHE B 90 -21.51 -16.42 21.33
CA PHE B 90 -21.55 -17.75 20.72
C PHE B 90 -20.26 -17.98 19.90
N CYS B 91 -19.93 -17.00 19.07
CA CYS B 91 -18.78 -17.14 18.19
C CYS B 91 -17.47 -17.23 18.98
N GLU B 92 -17.38 -16.52 20.10
CA GLU B 92 -16.20 -16.59 20.96
C GLU B 92 -16.08 -17.99 21.59
N GLY B 93 -17.20 -18.62 21.91
CA GLY B 93 -17.18 -19.99 22.37
C GLY B 93 -16.64 -20.92 21.29
N VAL B 94 -17.04 -20.68 20.06
CA VAL B 94 -16.57 -21.51 18.95
C VAL B 94 -15.04 -21.38 18.83
N ARG B 95 -14.53 -20.16 19.02
CA ARG B 95 -13.09 -19.92 18.95
C ARG B 95 -12.34 -20.66 20.06
N ASP B 96 -12.91 -20.72 21.26
CA ASP B 96 -12.35 -21.48 22.38
C ASP B 96 -12.20 -22.96 22.03
N LEU B 97 -13.19 -23.54 21.35
CA LEU B 97 -13.10 -24.94 20.96
C LEU B 97 -12.00 -25.11 19.91
N HIS B 98 -11.91 -24.18 18.96
CA HIS B 98 -10.87 -24.22 17.95
C HIS B 98 -9.48 -24.15 18.56
N VAL B 99 -9.30 -23.36 19.61
CA VAL B 99 -8.02 -23.30 20.30
C VAL B 99 -7.64 -24.67 20.86
N LYS B 100 -8.60 -25.36 21.48
CA LYS B 100 -8.32 -26.67 22.05
C LYS B 100 -7.96 -27.67 20.94
N TYR B 101 -8.74 -27.60 19.86
CA TYR B 101 -8.52 -28.43 18.68
C TYR B 101 -7.11 -28.23 18.08
N THR B 102 -6.74 -26.98 17.87
CA THR B 102 -5.46 -26.67 17.21
C THR B 102 -4.28 -26.98 18.11
N ARG B 103 -4.43 -26.84 19.42
CA ARG B 103 -3.37 -27.22 20.35
C ARG B 103 -3.09 -28.72 20.25
N MET B 104 -4.16 -29.51 20.19
CA MET B 104 -4.03 -30.96 20.01
C MET B 104 -3.41 -31.26 18.64
N ILE B 105 -3.91 -30.60 17.59
CA ILE B 105 -3.45 -30.88 16.24
C ILE B 105 -1.96 -30.62 16.05
N TYR B 106 -1.52 -29.44 16.50
CA TYR B 106 -0.17 -28.95 16.19
C TYR B 106 0.91 -29.38 17.19
N MET B 107 0.52 -29.64 18.44
CA MET B 107 1.50 -29.92 19.51
C MET B 107 1.48 -31.35 20.05
N ALA B 108 0.43 -32.12 19.77
CA ALA B 108 0.28 -33.43 20.42
C ALA B 108 -0.70 -34.37 19.73
N TYR B 109 -0.66 -34.42 18.41
CA TYR B 109 -1.62 -35.23 17.66
C TYR B 109 -1.46 -36.73 17.93
N GLU B 110 -0.21 -37.16 18.13
CA GLU B 110 0.10 -38.58 18.19
C GLU B 110 -0.32 -39.23 19.49
N THR B 111 -0.52 -38.42 20.53
CA THR B 111 -0.86 -38.92 21.86
C THR B 111 -2.12 -38.32 22.49
N GLU B 112 -2.60 -37.19 21.98
CA GLU B 112 -3.73 -36.52 22.63
C GLU B 112 -5.02 -36.52 21.80
N LYS B 113 -4.95 -37.04 20.57
CA LYS B 113 -6.13 -37.13 19.70
C LYS B 113 -7.25 -37.97 20.31
N ASP B 114 -6.92 -39.19 20.70
CA ASP B 114 -7.88 -40.09 21.33
C ASP B 114 -8.53 -39.54 22.60
N PRO B 115 -7.72 -39.14 23.60
CA PRO B 115 -8.28 -38.49 24.79
C PRO B 115 -9.10 -37.24 24.46
N TYR B 116 -8.69 -36.46 23.47
CA TYR B 116 -9.47 -35.27 23.09
C TYR B 116 -10.85 -35.68 22.61
N ILE B 117 -10.91 -36.71 21.77
CA ILE B 117 -12.18 -37.18 21.20
C ILE B 117 -13.11 -37.75 22.29
N LYS B 118 -12.54 -38.47 23.24
CA LYS B 118 -13.32 -39.22 24.23
C LYS B 118 -13.70 -38.39 25.45
N SER B 119 -12.76 -37.57 25.92
CA SER B 119 -12.86 -36.94 27.24
C SER B 119 -13.04 -35.41 27.25
N ILE B 120 -12.62 -34.73 26.18
CA ILE B 120 -12.77 -33.28 26.11
C ILE B 120 -13.92 -32.86 25.21
N LEU B 121 -13.95 -33.37 23.97
CA LEU B 121 -14.84 -32.88 22.94
C LEU B 121 -16.33 -33.00 23.27
N PRO B 122 -16.80 -34.15 23.79
CA PRO B 122 -18.24 -34.30 24.09
C PRO B 122 -18.80 -33.20 25.00
N GLY B 123 -18.10 -32.92 26.10
CA GLY B 123 -18.52 -31.89 27.03
C GLY B 123 -18.55 -30.49 26.41
N GLU B 124 -17.61 -30.22 25.51
CA GLU B 124 -17.60 -28.93 24.82
C GLU B 124 -18.76 -28.81 23.84
N LEU B 125 -19.00 -29.86 23.04
CA LEU B 125 -20.12 -29.84 22.09
C LEU B 125 -21.46 -29.71 22.82
N ALA B 126 -21.57 -30.31 24.00
CA ALA B 126 -22.81 -30.25 24.78
C ALA B 126 -23.21 -28.81 25.15
N LYS B 127 -22.22 -27.96 25.41
CA LYS B 127 -22.45 -26.54 25.66
C LYS B 127 -23.11 -25.84 24.47
N PHE B 128 -22.66 -26.16 23.26
CA PHE B 128 -23.26 -25.61 22.05
C PHE B 128 -24.66 -26.16 21.75
N GLU B 129 -24.85 -27.45 21.98
CA GLU B 129 -26.15 -28.10 21.77
C GLU B 129 -27.22 -27.38 22.61
N LYS B 130 -26.89 -27.09 23.87
CA LYS B 130 -27.78 -26.37 24.77
C LYS B 130 -28.00 -24.91 24.34
N LEU B 131 -26.92 -24.24 23.94
CA LEU B 131 -26.99 -22.84 23.54
C LEU B 131 -27.78 -22.67 22.24
N LEU B 132 -27.52 -23.53 21.26
CA LEU B 132 -28.16 -23.44 19.96
C LEU B 132 -29.69 -23.48 20.11
N ALA B 133 -30.18 -24.22 21.10
CA ALA B 133 -31.63 -24.35 21.33
C ALA B 133 -32.36 -23.07 21.78
N THR B 134 -31.63 -22.04 22.21
CA THR B 134 -32.25 -20.85 22.81
C THR B 134 -33.07 -20.02 21.83
N ARG B 135 -32.72 -20.04 20.55
CA ARG B 135 -33.48 -19.31 19.53
C ARG B 135 -34.01 -20.27 18.47
N GLY B 136 -35.29 -20.13 18.13
CA GLY B 136 -35.97 -21.03 17.21
C GLY B 136 -35.87 -22.51 17.56
N ASN B 137 -35.75 -22.82 18.86
CA ASN B 137 -35.53 -24.18 19.37
C ASN B 137 -34.28 -24.88 18.79
N GLY B 138 -33.36 -24.10 18.22
CA GLY B 138 -32.14 -24.64 17.63
C GLY B 138 -32.36 -25.46 16.37
N ARG B 139 -33.53 -25.31 15.74
CA ARG B 139 -33.88 -26.11 14.56
C ARG B 139 -33.60 -25.40 13.23
N ASN B 140 -33.03 -24.20 13.31
CA ASN B 140 -32.67 -23.47 12.12
C ASN B 140 -31.23 -22.96 12.26
N LEU B 141 -31.07 -21.66 12.50
CA LEU B 141 -29.75 -21.05 12.63
C LEU B 141 -29.60 -20.49 14.06
N ILE B 142 -28.43 -19.92 14.36
CA ILE B 142 -28.16 -19.44 15.72
C ILE B 142 -29.17 -18.38 16.22
N LEU B 143 -29.63 -17.51 15.32
CA LEU B 143 -30.62 -16.49 15.70
C LEU B 143 -32.06 -16.87 15.35
N GLY B 144 -32.25 -18.05 14.77
CA GLY B 144 -33.56 -18.51 14.31
C GLY B 144 -33.62 -18.56 12.79
N ASP B 145 -34.39 -17.66 12.21
CA ASP B 145 -34.65 -17.72 10.77
C ASP B 145 -33.67 -16.85 9.96
N LYS B 146 -32.90 -16.02 10.66
CA LYS B 146 -31.93 -15.12 9.98
C LYS B 146 -30.49 -15.55 10.28
N ILE B 147 -29.71 -15.63 9.21
CA ILE B 147 -28.30 -16.04 9.31
C ILE B 147 -27.44 -14.89 9.82
N SER B 148 -26.38 -15.26 10.53
CA SER B 148 -25.44 -14.33 11.12
C SER B 148 -24.02 -14.88 10.92
N TYR B 149 -23.01 -14.08 11.23
CA TYR B 149 -21.64 -14.52 10.98
C TYR B 149 -21.25 -15.72 11.84
N ALA B 150 -21.87 -15.83 13.02
CA ALA B 150 -21.57 -16.91 13.94
C ALA B 150 -21.93 -18.29 13.35
N ASP B 151 -22.91 -18.34 12.46
CA ASP B 151 -23.31 -19.60 11.83
C ASP B 151 -22.20 -20.21 11.00
N TYR B 152 -21.43 -19.37 10.31
CA TYR B 152 -20.34 -19.86 9.47
C TYR B 152 -19.21 -20.43 10.30
N ALA B 153 -18.89 -19.77 11.41
CA ALA B 153 -17.87 -20.25 12.34
C ALA B 153 -18.28 -21.58 12.96
N LEU B 154 -19.52 -21.68 13.44
CA LEU B 154 -19.98 -22.92 14.05
C LEU B 154 -20.01 -24.06 13.01
N PHE B 155 -20.49 -23.78 11.81
CA PHE B 155 -20.52 -24.78 10.74
C PHE B 155 -19.13 -25.36 10.50
N GLU B 156 -18.14 -24.48 10.35
CA GLU B 156 -16.77 -24.92 10.10
C GLU B 156 -16.25 -25.78 11.26
N GLU B 157 -16.48 -25.34 12.50
CA GLU B 157 -15.96 -26.06 13.65
C GLU B 157 -16.58 -27.46 13.76
N LEU B 158 -17.87 -27.58 13.46
CA LEU B 158 -18.53 -28.87 13.47
C LEU B 158 -18.02 -29.75 12.33
N ASP B 159 -17.75 -29.13 11.19
CA ASP B 159 -17.24 -29.87 10.04
C ASP B 159 -15.86 -30.45 10.29
N VAL B 160 -14.93 -29.64 10.80
CA VAL B 160 -13.57 -30.16 11.09
C VAL B 160 -13.59 -31.22 12.19
N HIS B 161 -14.51 -31.10 13.15
CA HIS B 161 -14.58 -32.09 14.22
C HIS B 161 -15.17 -33.40 13.73
N GLN B 162 -16.04 -33.34 12.73
CA GLN B 162 -16.58 -34.55 12.10
C GLN B 162 -15.54 -35.26 11.23
N ILE B 163 -14.61 -34.50 10.66
CA ILE B 163 -13.47 -35.09 9.96
C ILE B 163 -12.64 -35.86 11.00
N LEU B 164 -12.43 -35.22 12.15
CA LEU B 164 -11.61 -35.78 13.22
C LEU B 164 -12.25 -37.02 13.86
N ASP B 165 -13.57 -36.94 14.09
CA ASP B 165 -14.35 -38.02 14.71
C ASP B 165 -15.71 -38.05 14.03
N PRO B 166 -15.87 -38.91 13.01
CA PRO B 166 -17.13 -38.99 12.27
C PRO B 166 -18.42 -39.10 13.12
N HIS B 167 -18.33 -39.62 14.33
CA HIS B 167 -19.49 -39.80 15.21
C HIS B 167 -19.65 -38.77 16.33
N CYS B 168 -18.88 -37.68 16.31
CA CYS B 168 -18.89 -36.74 17.45
C CYS B 168 -20.25 -36.04 17.69
N LEU B 169 -21.08 -35.92 16.65
CA LEU B 169 -22.41 -35.28 16.80
C LEU B 169 -23.57 -36.27 17.00
N ASP B 170 -23.26 -37.55 17.24
CA ASP B 170 -24.31 -38.58 17.38
C ASP B 170 -25.31 -38.24 18.48
N LYS B 171 -24.81 -37.83 19.63
CA LYS B 171 -25.66 -37.49 20.77
C LYS B 171 -26.21 -36.05 20.73
N PHE B 172 -25.88 -35.29 19.67
CA PHE B 172 -26.22 -33.86 19.55
C PHE B 172 -27.01 -33.58 18.29
N PRO B 173 -28.31 -33.92 18.29
CA PRO B 173 -29.13 -33.83 17.08
C PRO B 173 -29.30 -32.42 16.52
N LEU B 174 -29.32 -31.41 17.39
CA LEU B 174 -29.47 -30.04 16.91
C LEU B 174 -28.22 -29.59 16.14
N LEU B 175 -27.05 -29.87 16.69
CA LEU B 175 -25.79 -29.57 16.01
C LEU B 175 -25.65 -30.38 14.73
N LYS B 176 -26.03 -31.66 14.77
CA LYS B 176 -25.95 -32.51 13.59
C LYS B 176 -26.80 -31.94 12.47
N VAL B 177 -28.03 -31.57 12.80
CA VAL B 177 -28.98 -31.08 11.80
C VAL B 177 -28.57 -29.69 11.29
N PHE B 178 -28.02 -28.88 12.19
CA PHE B 178 -27.53 -27.54 11.85
C PHE B 178 -26.39 -27.66 10.84
N HIS B 179 -25.46 -28.55 11.12
CA HIS B 179 -24.35 -28.77 10.22
C HIS B 179 -24.84 -29.13 8.82
N GLN B 180 -25.78 -30.07 8.74
CA GLN B 180 -26.26 -30.51 7.43
C GLN B 180 -27.05 -29.41 6.74
N ARG B 181 -27.81 -28.64 7.51
CA ARG B 181 -28.57 -27.50 7.00
C ARG B 181 -27.64 -26.49 6.34
N MET B 182 -26.55 -26.20 7.02
CA MET B 182 -25.60 -25.22 6.51
C MET B 182 -24.93 -25.76 5.24
N LYS B 183 -24.56 -27.04 5.24
CA LYS B 183 -23.94 -27.69 4.09
C LYS B 183 -24.91 -27.76 2.89
N ASP B 184 -26.21 -27.83 3.16
CA ASP B 184 -27.23 -27.88 2.10
C ASP B 184 -27.57 -26.52 1.46
N ARG B 185 -27.12 -25.41 2.05
CA ARG B 185 -27.34 -24.11 1.44
C ARG B 185 -26.66 -24.15 0.07
N PRO B 186 -27.34 -23.78 -1.02
CA PRO B 186 -26.81 -24.05 -2.37
C PRO B 186 -25.37 -23.63 -2.64
N LYS B 187 -24.98 -22.43 -2.26
CA LYS B 187 -23.64 -21.92 -2.55
C LYS B 187 -22.56 -22.66 -1.74
N LEU B 188 -22.91 -23.04 -0.51
CA LEU B 188 -22.01 -23.81 0.33
C LEU B 188 -21.94 -25.28 -0.08
N LYS B 189 -23.04 -25.84 -0.59
CA LYS B 189 -23.04 -27.24 -1.03
C LYS B 189 -22.02 -27.42 -2.14
N GLU B 190 -22.10 -26.55 -3.14
CA GLU B 190 -21.17 -26.53 -4.28
C GLU B 190 -19.73 -26.31 -3.83
N TYR B 191 -19.53 -25.31 -2.98
CA TYR B 191 -18.20 -24.96 -2.49
C TYR B 191 -17.57 -26.12 -1.71
N CYS B 192 -18.35 -26.74 -0.84
CA CYS B 192 -17.86 -27.83 0.01
C CYS B 192 -17.52 -29.08 -0.82
N GLU B 193 -18.24 -29.29 -1.93
CA GLU B 193 -17.96 -30.40 -2.85
C GLU B 193 -16.61 -30.19 -3.52
N LYS B 194 -16.35 -28.96 -3.98
CA LYS B 194 -15.08 -28.61 -4.62
C LYS B 194 -13.92 -28.65 -3.61
N ARG B 195 -14.20 -28.24 -2.37
CA ARG B 195 -13.19 -28.26 -1.32
C ARG B 195 -12.79 -29.71 -1.02
N ASP B 196 -13.77 -30.59 -0.99
CA ASP B 196 -13.51 -32.01 -0.76
C ASP B 196 -12.77 -32.70 -1.92
N ALA B 197 -13.13 -32.35 -3.15
CA ALA B 197 -12.49 -32.92 -4.33
C ALA B 197 -11.00 -32.63 -4.32
N ALA B 198 -10.65 -31.42 -3.89
CA ALA B 198 -9.26 -30.95 -3.81
C ALA B 198 -8.57 -31.38 -2.51
N LYS B 199 -9.33 -31.99 -1.60
CA LYS B 199 -8.84 -32.42 -0.30
C LYS B 199 -8.03 -31.31 0.36
N VAL B 200 -8.65 -30.15 0.46
CA VAL B 200 -7.98 -28.99 1.05
C VAL B 200 -7.61 -29.36 2.49
N PRO B 201 -6.34 -29.19 2.87
CA PRO B 201 -5.94 -29.52 4.24
C PRO B 201 -6.67 -28.63 5.23
N VAL B 202 -7.12 -29.21 6.33
CA VAL B 202 -7.74 -28.43 7.39
C VAL B 202 -6.67 -27.57 8.06
N ASN B 203 -5.50 -28.17 8.31
CA ASN B 203 -4.44 -27.55 9.10
C ASN B 203 -3.11 -27.50 8.35
N GLY B 204 -2.15 -26.81 8.92
CA GLY B 204 -0.89 -26.53 8.26
C GLY B 204 0.13 -27.64 8.30
N ASN B 205 -0.12 -28.65 9.14
CA ASN B 205 0.76 -29.79 9.30
C ASN B 205 0.21 -31.09 8.66
N GLY B 206 -0.90 -30.99 7.95
CA GLY B 206 -1.47 -32.14 7.26
C GLY B 206 -2.27 -33.10 8.15
N LYS B 207 -2.32 -32.84 9.45
CA LYS B 207 -3.06 -33.66 10.39
C LYS B 207 -4.48 -33.13 10.57
N GLN B 208 -5.43 -34.05 10.71
CA GLN B 208 -6.86 -33.69 10.88
C GLN B 208 -7.70 -34.92 11.30
N MET C 1 -5.49 24.46 1.98
CA MET C 1 -4.71 24.78 0.74
C MET C 1 -5.00 23.80 -0.39
N SER C 2 -5.00 24.30 -1.63
CA SER C 2 -5.43 23.50 -2.78
C SER C 2 -4.29 22.78 -3.54
N TYR C 3 -3.04 23.00 -3.15
CA TYR C 3 -1.92 22.23 -3.70
C TYR C 3 -1.22 21.41 -2.61
N LYS C 4 -0.92 20.15 -2.93
CA LYS C 4 -0.06 19.33 -2.10
C LYS C 4 0.94 18.63 -3.01
N LEU C 5 2.22 18.76 -2.68
CA LEU C 5 3.29 18.11 -3.42
C LEU C 5 3.89 17.01 -2.55
N THR C 6 3.65 15.77 -2.95
CA THR C 6 4.15 14.60 -2.26
C THR C 6 5.43 14.08 -2.90
N TYR C 7 6.51 14.10 -2.14
CA TYR C 7 7.78 13.54 -2.58
C TYR C 7 8.58 13.11 -1.35
N PHE C 8 9.75 12.54 -1.59
CA PHE C 8 10.66 12.20 -0.50
C PHE C 8 11.28 13.46 0.08
N SER C 9 11.90 13.30 1.24
CA SER C 9 12.46 14.42 1.98
C SER C 9 13.88 14.73 1.50
N ILE C 10 13.97 14.95 0.19
CA ILE C 10 15.18 15.35 -0.50
C ILE C 10 14.76 16.39 -1.53
N ARG C 11 15.74 16.99 -2.19
CA ARG C 11 15.49 17.89 -3.30
C ARG C 11 15.06 17.07 -4.52
N GLY C 12 16.00 16.30 -5.09
CA GLY C 12 15.68 15.32 -6.12
C GLY C 12 14.91 15.88 -7.30
N LEU C 13 13.99 15.07 -7.84
CA LEU C 13 13.12 15.44 -8.97
C LEU C 13 12.09 16.50 -8.65
N ALA C 14 11.73 16.64 -7.39
CA ALA C 14 10.70 17.58 -6.99
C ALA C 14 11.18 19.01 -6.88
N GLU C 15 12.48 19.22 -6.72
CA GLU C 15 12.95 20.56 -6.36
C GLU C 15 12.61 21.66 -7.38
N PRO C 16 12.75 21.43 -8.70
CA PRO C 16 12.35 22.47 -9.66
C PRO C 16 10.88 22.88 -9.51
N ILE C 17 10.02 21.92 -9.17
CA ILE C 17 8.62 22.19 -8.92
C ILE C 17 8.45 23.04 -7.65
N ARG C 18 9.16 22.68 -6.58
CA ARG C 18 9.12 23.47 -5.33
C ARG C 18 9.60 24.90 -5.59
N LEU C 19 10.65 25.06 -6.39
CA LEU C 19 11.21 26.37 -6.67
C LEU C 19 10.24 27.22 -7.48
N PHE C 20 9.55 26.59 -8.42
CA PHE C 20 8.53 27.24 -9.23
C PHE C 20 7.47 27.80 -8.29
N LEU C 21 6.97 26.96 -7.39
CA LEU C 21 5.85 27.34 -6.54
C LEU C 21 6.28 28.42 -5.55
N VAL C 22 7.44 28.26 -4.94
CA VAL C 22 7.95 29.25 -3.98
C VAL C 22 8.13 30.61 -4.65
N ASP C 23 8.76 30.63 -5.82
CA ASP C 23 9.09 31.87 -6.50
C ASP C 23 7.86 32.59 -7.03
N GLN C 24 6.83 31.83 -7.38
CA GLN C 24 5.59 32.41 -7.88
C GLN C 24 4.59 32.67 -6.75
N ASP C 25 5.02 32.46 -5.49
CA ASP C 25 4.18 32.64 -4.30
C ASP C 25 2.87 31.83 -4.36
N ILE C 26 2.99 30.58 -4.81
CA ILE C 26 1.87 29.64 -4.84
C ILE C 26 2.02 28.77 -3.62
N LYS C 27 1.10 28.92 -2.67
CA LYS C 27 1.19 28.23 -1.39
C LYS C 27 0.83 26.76 -1.59
N PHE C 28 1.63 25.87 -1.03
CA PHE C 28 1.42 24.44 -1.18
C PHE C 28 1.85 23.67 0.07
N ILE C 29 1.20 22.54 0.30
CA ILE C 29 1.63 21.61 1.35
C ILE C 29 2.83 20.85 0.81
N ASP C 30 3.99 21.03 1.42
CA ASP C 30 5.18 20.29 1.05
C ASP C 30 5.19 18.97 1.82
N ASP C 31 4.56 17.96 1.22
CA ASP C 31 4.33 16.65 1.87
C ASP C 31 5.54 15.73 1.69
N ARG C 32 6.51 15.88 2.59
CA ARG C 32 7.80 15.19 2.53
C ARG C 32 7.70 13.89 3.32
N ILE C 33 7.74 12.76 2.62
CA ILE C 33 7.51 11.47 3.28
C ILE C 33 8.80 10.71 3.54
N ALA C 34 8.76 9.87 4.58
CA ALA C 34 9.90 9.00 4.94
C ALA C 34 9.99 7.84 3.92
N LYS C 35 11.22 7.47 3.64
CA LYS C 35 11.53 6.42 2.65
C LYS C 35 10.82 5.09 2.99
N ASP C 36 10.74 4.77 4.27
CA ASP C 36 10.12 3.50 4.72
C ASP C 36 8.59 3.61 4.82
N ASP C 37 7.99 4.80 4.73
CA ASP C 37 6.54 4.98 4.66
C ASP C 37 5.96 4.79 3.25
N PHE C 38 6.81 4.79 2.21
CA PHE C 38 6.30 4.79 0.84
C PHE C 38 5.62 3.47 0.45
N SER C 39 6.18 2.35 0.89
CA SER C 39 5.62 1.03 0.57
C SER C 39 4.11 0.93 0.74
N SER C 40 3.58 1.47 1.83
CA SER C 40 2.17 1.30 2.15
C SER C 40 1.25 2.15 1.27
N ILE C 41 1.77 3.25 0.74
CA ILE C 41 0.97 4.15 -0.11
C ILE C 41 1.31 4.08 -1.61
N LYS C 42 2.30 3.26 -1.99
CA LYS C 42 2.76 3.18 -3.37
C LYS C 42 1.64 3.00 -4.42
N SER C 43 0.69 2.10 -4.14
CA SER C 43 -0.35 1.79 -5.15
C SER C 43 -1.35 2.93 -5.40
N GLN C 44 -1.31 3.97 -4.56
CA GLN C 44 -2.13 5.17 -4.75
C GLN C 44 -1.71 6.03 -5.96
N PHE C 45 -0.49 5.82 -6.46
CA PHE C 45 0.07 6.65 -7.53
C PHE C 45 0.10 5.88 -8.83
N GLN C 46 -0.17 6.57 -9.92
CA GLN C 46 -0.49 5.93 -11.22
C GLN C 46 0.65 5.10 -11.79
N PHE C 47 1.89 5.46 -11.46
CA PHE C 47 3.04 4.67 -11.86
C PHE C 47 3.85 4.16 -10.66
N GLY C 48 3.24 4.18 -9.46
CA GLY C 48 3.87 3.65 -8.27
C GLY C 48 5.05 4.48 -7.78
N GLN C 49 5.05 5.77 -8.13
CA GLN C 49 6.23 6.62 -7.91
C GLN C 49 5.86 8.08 -7.64
N LEU C 50 6.82 8.81 -7.08
CA LEU C 50 6.70 10.23 -6.76
C LEU C 50 7.72 10.99 -7.59
N PRO C 51 7.56 12.30 -7.78
CA PRO C 51 6.53 13.15 -7.14
C PRO C 51 5.10 13.02 -7.65
N CYS C 52 4.20 13.56 -6.85
CA CYS C 52 2.79 13.68 -7.18
C CYS C 52 2.32 15.06 -6.74
N LEU C 53 1.70 15.80 -7.66
CA LEU C 53 1.01 17.04 -7.33
C LEU C 53 -0.50 16.80 -7.28
N TYR C 54 -1.07 17.05 -6.12
CA TYR C 54 -2.50 17.16 -5.96
C TYR C 54 -2.88 18.61 -6.19
N ASP C 55 -3.62 18.87 -7.27
CA ASP C 55 -4.09 20.20 -7.64
C ASP C 55 -5.62 20.15 -7.59
N GLY C 56 -6.18 20.62 -6.49
CA GLY C 56 -7.60 20.45 -6.24
C GLY C 56 -7.93 18.97 -6.21
N ASP C 57 -8.89 18.56 -7.04
CA ASP C 57 -9.29 17.16 -7.14
C ASP C 57 -8.45 16.34 -8.13
N GLN C 58 -7.49 16.96 -8.81
CA GLN C 58 -6.63 16.26 -9.79
C GLN C 58 -5.38 15.68 -9.09
N GLN C 59 -5.02 14.45 -9.44
CA GLN C 59 -3.82 13.81 -8.94
C GLN C 59 -2.87 13.65 -10.13
N ILE C 60 -1.75 14.37 -10.11
CA ILE C 60 -0.84 14.43 -11.26
C ILE C 60 0.52 13.92 -10.86
N VAL C 61 0.91 12.77 -11.43
CA VAL C 61 2.27 12.28 -11.27
C VAL C 61 3.10 12.66 -12.50
N GLN C 62 4.40 12.34 -12.45
CA GLN C 62 5.40 12.61 -13.50
C GLN C 62 5.89 14.05 -13.43
N SER C 63 7.11 14.23 -12.92
CA SER C 63 7.66 15.55 -12.60
C SER C 63 7.60 16.49 -13.81
N GLY C 64 7.84 15.95 -15.00
CA GLY C 64 7.78 16.74 -16.21
C GLY C 64 6.39 17.23 -16.56
N ALA C 65 5.38 16.37 -16.39
CA ALA C 65 4.00 16.75 -16.65
C ALA C 65 3.49 17.75 -15.60
N ILE C 66 3.90 17.55 -14.36
CA ILE C 66 3.54 18.44 -13.26
C ILE C 66 4.05 19.85 -13.56
N LEU C 67 5.33 19.97 -13.94
CA LEU C 67 5.90 21.29 -14.18
C LEU C 67 5.29 21.96 -15.41
N ARG C 68 5.04 21.19 -16.46
CA ARG C 68 4.42 21.76 -17.66
C ARG C 68 2.99 22.21 -17.40
N HIS C 69 2.26 21.48 -16.57
CA HIS C 69 0.90 21.85 -16.18
C HIS C 69 0.90 23.16 -15.41
N LEU C 70 1.76 23.26 -14.40
CA LEU C 70 1.91 24.52 -13.66
C LEU C 70 2.29 25.68 -14.57
N ALA C 71 3.19 25.45 -15.52
CA ALA C 71 3.61 26.46 -16.48
C ALA C 71 2.44 27.03 -17.30
N ARG C 72 1.55 26.17 -17.76
CA ARG C 72 0.39 26.62 -18.52
C ARG C 72 -0.55 27.43 -17.62
N LYS C 73 -0.84 26.86 -16.45
CA LYS C 73 -1.82 27.44 -15.53
C LYS C 73 -1.40 28.84 -15.04
N TYR C 74 -0.09 29.05 -14.88
CA TYR C 74 0.43 30.33 -14.39
C TYR C 74 1.18 31.17 -15.43
N ASN C 75 0.97 30.84 -16.72
CA ASN C 75 1.51 31.63 -17.83
C ASN C 75 3.04 31.79 -17.79
N LEU C 76 3.74 30.70 -17.44
CA LEU C 76 5.19 30.62 -17.49
C LEU C 76 5.64 29.61 -18.55
N ASN C 77 4.89 29.55 -19.65
CA ASN C 77 5.07 28.55 -20.72
C ASN C 77 5.47 29.21 -22.06
N GLY C 78 6.01 30.42 -22.01
CA GLY C 78 6.36 31.16 -23.22
C GLY C 78 5.16 31.90 -23.78
N GLU C 79 5.41 32.81 -24.73
CA GLU C 79 4.33 33.67 -25.26
C GLU C 79 3.90 33.31 -26.68
N ASN C 80 4.63 32.43 -27.35
CA ASN C 80 4.23 31.91 -28.65
C ASN C 80 4.78 30.50 -28.86
N GLU C 81 4.41 29.86 -29.96
CA GLU C 81 4.76 28.46 -30.22
C GLU C 81 6.25 28.19 -30.14
N MET C 82 7.04 29.06 -30.76
CA MET C 82 8.49 28.87 -30.81
C MET C 82 9.10 28.93 -29.40
N GLU C 83 8.65 29.84 -28.56
CA GLU C 83 9.16 29.97 -27.19
C GLU C 83 8.80 28.74 -26.36
N THR C 84 7.56 28.27 -26.55
CA THR C 84 7.02 27.17 -25.78
C THR C 84 7.80 25.92 -26.13
N THR C 85 8.09 25.76 -27.42
CA THR C 85 8.89 24.65 -27.87
C THR C 85 10.32 24.73 -27.35
N TYR C 86 10.88 25.95 -27.38
CA TYR C 86 12.27 26.17 -27.05
C TYR C 86 12.54 25.82 -25.59
N ILE C 87 11.68 26.30 -24.69
CA ILE C 87 11.86 26.02 -23.26
C ILE C 87 11.63 24.55 -22.92
N ASP C 88 10.75 23.90 -23.67
CA ASP C 88 10.54 22.46 -23.58
C ASP C 88 11.83 21.71 -23.94
N MET C 89 12.37 22.02 -25.12
CA MET C 89 13.65 21.47 -25.57
C MET C 89 14.76 21.71 -24.54
N PHE C 90 14.86 22.92 -24.03
CA PHE C 90 15.89 23.30 -23.07
C PHE C 90 15.71 22.48 -21.79
N CYS C 91 14.48 22.40 -21.30
CA CYS C 91 14.20 21.74 -20.04
C CYS C 91 14.42 20.22 -20.15
N GLU C 92 14.09 19.63 -21.29
CA GLU C 92 14.39 18.21 -21.52
C GLU C 92 15.90 17.94 -21.51
N GLY C 93 16.68 18.88 -22.01
CA GLY C 93 18.12 18.79 -21.94
C GLY C 93 18.62 18.81 -20.51
N VAL C 94 18.02 19.66 -19.68
CA VAL C 94 18.35 19.72 -18.27
C VAL C 94 18.08 18.35 -17.65
N ARG C 95 16.94 17.75 -18.00
CA ARG C 95 16.58 16.44 -17.48
C ARG C 95 17.62 15.39 -17.86
N ASP C 96 18.15 15.48 -19.08
CA ASP C 96 19.15 14.53 -19.54
C ASP C 96 20.43 14.62 -18.69
N LEU C 97 20.86 15.83 -18.37
CA LEU C 97 22.00 16.01 -17.48
C LEU C 97 21.70 15.44 -16.11
N HIS C 98 20.46 15.61 -15.65
CA HIS C 98 20.08 15.10 -14.34
C HIS C 98 20.12 13.59 -14.29
N VAL C 99 19.78 12.92 -15.40
CA VAL C 99 19.88 11.47 -15.48
C VAL C 99 21.32 10.98 -15.31
N LYS C 100 22.27 11.67 -15.98
CA LYS C 100 23.68 11.34 -15.87
C LYS C 100 24.18 11.57 -14.44
N TYR C 101 23.81 12.71 -13.87
CA TYR C 101 24.13 13.05 -12.48
C TYR C 101 23.64 11.97 -11.52
N THR C 102 22.38 11.57 -11.64
CA THR C 102 21.80 10.67 -10.66
C THR C 102 22.35 9.24 -10.79
N ARG C 103 22.63 8.79 -12.01
CA ARG C 103 23.25 7.47 -12.20
C ARG C 103 24.59 7.41 -11.47
N MET C 104 25.35 8.51 -11.53
CA MET C 104 26.61 8.59 -10.81
C MET C 104 26.38 8.61 -9.30
N ILE C 105 25.44 9.45 -8.82
CA ILE C 105 25.18 9.60 -7.38
C ILE C 105 24.76 8.28 -6.75
N TYR C 106 23.79 7.61 -7.37
CA TYR C 106 23.13 6.45 -6.79
C TYR C 106 23.81 5.12 -7.10
N MET C 107 24.49 5.00 -8.25
CA MET C 107 25.10 3.72 -8.64
C MET C 107 26.65 3.66 -8.50
N ALA C 108 27.33 4.80 -8.49
CA ALA C 108 28.80 4.77 -8.54
C ALA C 108 29.47 6.04 -8.07
N TYR C 109 29.01 6.62 -6.97
CA TYR C 109 29.58 7.86 -6.44
C TYR C 109 31.09 7.76 -6.23
N GLU C 110 31.53 6.66 -5.65
CA GLU C 110 32.91 6.55 -5.17
C GLU C 110 33.93 6.25 -6.27
N THR C 111 33.47 5.81 -7.44
CA THR C 111 34.35 5.52 -8.58
C THR C 111 34.11 6.40 -9.80
N GLU C 112 32.93 7.01 -9.91
CA GLU C 112 32.54 7.73 -11.13
C GLU C 112 32.42 9.25 -10.92
N LYS C 113 32.44 9.72 -9.68
CA LYS C 113 32.37 11.16 -9.41
C LYS C 113 33.48 11.93 -10.14
N ASP C 114 34.72 11.49 -9.98
CA ASP C 114 35.85 12.18 -10.57
C ASP C 114 35.84 12.21 -12.12
N PRO C 115 35.71 11.07 -12.79
CA PRO C 115 35.54 11.06 -14.26
C PRO C 115 34.31 11.84 -14.73
N TYR C 116 33.22 11.83 -13.95
CA TYR C 116 32.07 12.66 -14.27
C TYR C 116 32.44 14.15 -14.26
N ILE C 117 33.04 14.64 -13.18
CA ILE C 117 33.40 16.05 -13.06
C ILE C 117 34.40 16.49 -14.14
N LYS C 118 35.36 15.63 -14.49
CA LYS C 118 36.52 15.99 -15.33
C LYS C 118 36.18 15.77 -16.81
N SER C 119 35.41 14.71 -17.17
CA SER C 119 35.31 14.24 -18.55
C SER C 119 33.88 14.15 -19.16
N ILE C 120 32.85 14.30 -18.33
CA ILE C 120 31.46 14.33 -18.81
C ILE C 120 30.83 15.71 -18.62
N LEU C 121 30.88 16.22 -17.39
CA LEU C 121 30.17 17.43 -17.02
C LEU C 121 30.57 18.66 -17.86
N PRO C 122 31.87 18.89 -18.09
CA PRO C 122 32.25 20.10 -18.83
C PRO C 122 31.63 20.17 -20.21
N GLY C 123 31.64 19.07 -20.96
CA GLY C 123 31.05 19.02 -22.28
C GLY C 123 29.53 19.25 -22.25
N GLU C 124 28.88 18.74 -21.22
CA GLU C 124 27.44 18.94 -21.05
C GLU C 124 27.09 20.39 -20.67
N LEU C 125 27.89 21.00 -19.81
CA LEU C 125 27.68 22.41 -19.46
C LEU C 125 27.97 23.32 -20.65
N ALA C 126 28.95 22.95 -21.47
CA ALA C 126 29.29 23.77 -22.63
C ALA C 126 28.07 23.86 -23.57
N LYS C 127 27.30 22.77 -23.67
CA LYS C 127 26.11 22.75 -24.51
C LYS C 127 25.09 23.77 -24.02
N PHE C 128 24.87 23.84 -22.70
CA PHE C 128 23.93 24.80 -22.14
C PHE C 128 24.44 26.24 -22.28
N GLU C 129 25.75 26.42 -22.15
CA GLU C 129 26.36 27.75 -22.26
C GLU C 129 26.12 28.31 -23.66
N LYS C 130 26.27 27.47 -24.66
CA LYS C 130 26.06 27.86 -26.05
C LYS C 130 24.57 28.13 -26.32
N LEU C 131 23.72 27.25 -25.82
CA LEU C 131 22.27 27.35 -26.06
C LEU C 131 21.65 28.55 -25.37
N LEU C 132 22.12 28.84 -24.15
CA LEU C 132 21.58 29.94 -23.36
C LEU C 132 21.75 31.26 -24.11
N ALA C 133 22.88 31.38 -24.82
CA ALA C 133 23.21 32.57 -25.59
C ALA C 133 22.28 32.91 -26.78
N THR C 134 21.40 31.99 -27.18
CA THR C 134 20.53 32.24 -28.34
C THR C 134 19.37 33.21 -28.07
N ARG C 135 19.06 33.49 -26.81
CA ARG C 135 18.01 34.46 -26.48
C ARG C 135 18.52 35.46 -25.46
N GLY C 136 18.43 36.74 -25.81
CA GLY C 136 18.94 37.82 -24.97
C GLY C 136 20.44 37.76 -24.77
N ASN C 137 21.15 37.12 -25.71
CA ASN C 137 22.59 36.85 -25.61
C ASN C 137 22.95 35.99 -24.38
N GLY C 138 21.95 35.36 -23.77
CA GLY C 138 22.11 34.55 -22.58
C GLY C 138 22.41 35.33 -21.32
N ARG C 139 22.20 36.65 -21.37
CA ARG C 139 22.60 37.52 -20.27
C ARG C 139 21.51 37.76 -19.23
N ASN C 140 20.34 37.16 -19.42
CA ASN C 140 19.27 37.24 -18.44
C ASN C 140 18.73 35.83 -18.16
N LEU C 141 17.52 35.54 -18.59
CA LEU C 141 16.88 34.24 -18.35
C LEU C 141 16.78 33.47 -19.65
N ILE C 142 16.20 32.27 -19.63
CA ILE C 142 16.24 31.40 -20.81
C ILE C 142 15.51 32.04 -22.00
N LEU C 143 14.39 32.69 -21.74
CA LEU C 143 13.63 33.35 -22.82
C LEU C 143 14.03 34.81 -23.03
N GLY C 144 15.03 35.27 -22.30
CA GLY C 144 15.44 36.67 -22.34
C GLY C 144 14.91 37.36 -21.10
N ASP C 145 13.94 38.26 -21.27
CA ASP C 145 13.45 39.07 -20.15
C ASP C 145 12.34 38.42 -19.32
N LYS C 146 11.67 37.41 -19.88
CA LYS C 146 10.56 36.74 -19.20
C LYS C 146 10.98 35.39 -18.61
N ILE C 147 10.72 35.22 -17.32
CA ILE C 147 10.98 33.94 -16.65
C ILE C 147 10.00 32.88 -17.15
N SER C 148 10.42 31.62 -17.10
CA SER C 148 9.64 30.48 -17.54
C SER C 148 9.97 29.29 -16.65
N TYR C 149 9.22 28.21 -16.78
CA TYR C 149 9.43 27.05 -15.91
C TYR C 149 10.82 26.44 -16.04
N ALA C 150 11.38 26.50 -17.25
CA ALA C 150 12.71 25.96 -17.53
C ALA C 150 13.81 26.61 -16.70
N ASP C 151 13.65 27.89 -16.37
CA ASP C 151 14.64 28.58 -15.53
C ASP C 151 14.81 27.91 -14.17
N TYR C 152 13.70 27.46 -13.57
CA TYR C 152 13.80 26.77 -12.27
C TYR C 152 14.53 25.45 -12.37
N ALA C 153 14.29 24.71 -13.45
CA ALA C 153 15.00 23.45 -13.70
C ALA C 153 16.50 23.67 -13.89
N LEU C 154 16.87 24.67 -14.70
CA LEU C 154 18.28 24.94 -14.95
C LEU C 154 18.96 25.41 -13.67
N PHE C 155 18.29 26.27 -12.92
CA PHE C 155 18.82 26.78 -11.66
C PHE C 155 19.19 25.62 -10.72
N GLU C 156 18.26 24.71 -10.49
CA GLU C 156 18.50 23.60 -9.59
C GLU C 156 19.62 22.70 -10.10
N GLU C 157 19.65 22.47 -11.42
CA GLU C 157 20.66 21.58 -11.95
C GLU C 157 22.06 22.20 -11.81
N LEU C 158 22.18 23.51 -12.04
CA LEU C 158 23.45 24.20 -11.83
C LEU C 158 23.83 24.20 -10.35
N ASP C 159 22.84 24.40 -9.48
CA ASP C 159 23.08 24.44 -8.06
C ASP C 159 23.63 23.11 -7.54
N VAL C 160 22.99 22.00 -7.90
CA VAL C 160 23.45 20.70 -7.40
C VAL C 160 24.83 20.35 -7.96
N HIS C 161 25.15 20.82 -9.15
CA HIS C 161 26.46 20.53 -9.73
C HIS C 161 27.58 21.38 -9.12
N GLN C 162 27.22 22.56 -8.62
CA GLN C 162 28.19 23.39 -7.89
C GLN C 162 28.47 22.79 -6.51
N ILE C 163 27.48 22.10 -5.95
CA ILE C 163 27.68 21.38 -4.70
C ILE C 163 28.64 20.20 -4.93
N LEU C 164 28.42 19.47 -6.02
CA LEU C 164 29.30 18.38 -6.43
C LEU C 164 30.72 18.87 -6.76
N ASP C 165 30.79 19.95 -7.53
CA ASP C 165 32.05 20.54 -7.98
C ASP C 165 31.92 22.06 -7.92
N PRO C 166 32.37 22.68 -6.83
CA PRO C 166 32.28 24.14 -6.65
C PRO C 166 32.86 24.97 -7.80
N HIS C 167 33.80 24.42 -8.57
CA HIS C 167 34.45 25.16 -9.66
C HIS C 167 33.84 24.90 -11.05
N CYS C 168 32.75 24.13 -11.13
CA CYS C 168 32.27 23.68 -12.44
C CYS C 168 31.77 24.79 -13.37
N LEU C 169 31.32 25.91 -12.81
CA LEU C 169 30.86 27.02 -13.63
C LEU C 169 31.92 28.13 -13.82
N ASP C 170 33.14 27.92 -13.32
CA ASP C 170 34.19 28.94 -13.38
C ASP C 170 34.42 29.45 -14.81
N LYS C 171 34.35 28.56 -15.79
CA LYS C 171 34.69 28.87 -17.18
C LYS C 171 33.43 29.00 -18.07
N PHE C 172 32.27 29.10 -17.44
CA PHE C 172 30.98 29.23 -18.11
C PHE C 172 30.27 30.51 -17.60
N PRO C 173 30.72 31.68 -18.07
CA PRO C 173 30.24 32.95 -17.55
C PRO C 173 28.72 33.15 -17.63
N LEU C 174 28.07 32.71 -18.70
CA LEU C 174 26.62 32.88 -18.82
C LEU C 174 25.85 32.01 -17.83
N LEU C 175 26.28 30.77 -17.64
CA LEU C 175 25.63 29.87 -16.68
C LEU C 175 25.89 30.32 -15.24
N LYS C 176 27.12 30.74 -14.97
CA LYS C 176 27.50 31.23 -13.64
C LYS C 176 26.67 32.45 -13.24
N VAL C 177 26.47 33.35 -14.19
CA VAL C 177 25.71 34.58 -13.93
C VAL C 177 24.21 34.29 -13.81
N PHE C 178 23.73 33.35 -14.61
CA PHE C 178 22.33 32.92 -14.55
C PHE C 178 22.02 32.36 -13.17
N HIS C 179 22.93 31.53 -12.68
CA HIS C 179 22.76 30.94 -11.37
C HIS C 179 22.76 32.03 -10.28
N GLN C 180 23.63 33.04 -10.43
CA GLN C 180 23.69 34.18 -9.51
C GLN C 180 22.39 34.97 -9.54
N ARG C 181 21.90 35.22 -10.75
CA ARG C 181 20.69 36.00 -10.96
C ARG C 181 19.49 35.32 -10.30
N MET C 182 19.37 34.01 -10.53
CA MET C 182 18.26 33.24 -9.98
C MET C 182 18.29 33.15 -8.45
N LYS C 183 19.47 32.87 -7.88
CA LYS C 183 19.61 32.73 -6.42
C LYS C 183 19.30 34.06 -5.72
N ASP C 184 19.54 35.17 -6.41
CA ASP C 184 19.28 36.49 -5.86
C ASP C 184 17.82 36.92 -5.92
N ARG C 185 16.97 36.18 -6.61
CA ARG C 185 15.55 36.48 -6.60
C ARG C 185 15.07 36.33 -5.16
N PRO C 186 14.40 37.34 -4.60
CA PRO C 186 14.16 37.41 -3.15
C PRO C 186 13.49 36.19 -2.52
N LYS C 187 12.50 35.63 -3.18
CA LYS C 187 11.80 34.45 -2.66
C LYS C 187 12.70 33.21 -2.69
N LEU C 188 13.54 33.11 -3.72
CA LEU C 188 14.51 32.02 -3.81
C LEU C 188 15.69 32.23 -2.87
N LYS C 189 16.14 33.47 -2.71
CA LYS C 189 17.23 33.76 -1.78
C LYS C 189 16.84 33.29 -0.38
N GLU C 190 15.64 33.66 0.03
CA GLU C 190 15.10 33.26 1.34
C GLU C 190 14.98 31.75 1.45
N TYR C 191 14.38 31.13 0.44
CA TYR C 191 14.13 29.69 0.42
C TYR C 191 15.44 28.88 0.42
N CYS C 192 16.43 29.34 -0.34
CA CYS C 192 17.73 28.67 -0.42
C CYS C 192 18.53 28.77 0.88
N GLU C 193 18.47 29.92 1.55
CA GLU C 193 19.12 30.06 2.86
C GLU C 193 18.48 29.12 3.90
N LYS C 194 17.16 29.01 3.86
CA LYS C 194 16.40 28.14 4.76
C LYS C 194 16.78 26.68 4.51
N ARG C 195 16.95 26.35 3.23
CA ARG C 195 17.32 25.00 2.81
C ARG C 195 18.75 24.65 3.25
N ASP C 196 19.65 25.65 3.20
CA ASP C 196 21.05 25.48 3.62
C ASP C 196 21.15 25.24 5.13
N ALA C 197 20.46 26.08 5.89
CA ALA C 197 20.41 25.98 7.35
C ALA C 197 19.94 24.60 7.79
N ALA C 198 18.93 24.05 7.09
CA ALA C 198 18.33 22.77 7.44
C ALA C 198 19.12 21.57 6.90
N LYS C 199 20.13 21.83 6.08
CA LYS C 199 20.97 20.80 5.48
C LYS C 199 20.12 19.75 4.76
N VAL C 200 19.14 20.23 4.00
CA VAL C 200 18.28 19.35 3.21
C VAL C 200 19.17 18.57 2.24
N PRO C 201 19.08 17.24 2.23
CA PRO C 201 19.88 16.43 1.31
C PRO C 201 19.42 16.60 -0.14
N VAL C 202 20.38 16.63 -1.06
CA VAL C 202 20.07 16.71 -2.47
C VAL C 202 19.45 15.40 -2.93
N ASN C 203 20.05 14.29 -2.49
CA ASN C 203 19.66 12.96 -2.92
C ASN C 203 19.30 12.03 -1.75
N GLY C 204 18.72 10.89 -2.08
CA GLY C 204 18.21 9.94 -1.09
C GLY C 204 19.26 9.09 -0.37
N ASN C 205 20.50 9.10 -0.88
CA ASN C 205 21.59 8.38 -0.22
C ASN C 205 22.55 9.31 0.53
N GLY C 206 22.21 10.60 0.60
CA GLY C 206 23.02 11.60 1.28
C GLY C 206 24.32 11.98 0.59
N LYS C 207 24.58 11.46 -0.60
CA LYS C 207 25.77 11.81 -1.35
C LYS C 207 25.45 12.98 -2.29
N GLN C 208 26.42 13.88 -2.46
CA GLN C 208 26.24 15.07 -3.27
C GLN C 208 27.57 15.78 -3.57
N MET D 1 10.97 19.19 -49.22
CA MET D 1 9.88 19.25 -48.19
C MET D 1 10.31 20.05 -46.98
N SER D 2 9.31 20.56 -46.26
CA SER D 2 9.50 21.49 -45.14
C SER D 2 9.66 20.84 -43.76
N TYR D 3 9.21 19.60 -43.58
CA TYR D 3 9.54 18.80 -42.39
C TYR D 3 10.64 17.80 -42.72
N LYS D 4 11.68 17.75 -41.89
CA LYS D 4 12.73 16.73 -42.00
C LYS D 4 13.01 16.20 -40.61
N LEU D 5 12.99 14.88 -40.45
CA LEU D 5 13.32 14.24 -39.17
C LEU D 5 14.62 13.48 -39.34
N THR D 6 15.64 13.87 -38.58
CA THR D 6 16.96 13.30 -38.65
C THR D 6 17.17 12.40 -37.44
N TYR D 7 17.48 11.14 -37.70
CA TYR D 7 17.74 10.15 -36.65
C TYR D 7 18.59 9.02 -37.24
N PHE D 8 19.02 8.12 -36.38
CA PHE D 8 19.72 6.93 -36.84
C PHE D 8 18.77 5.99 -37.59
N SER D 9 19.33 4.99 -38.27
CA SER D 9 18.55 4.10 -39.11
C SER D 9 18.00 2.94 -38.27
N ILE D 10 17.27 3.30 -37.22
CA ILE D 10 16.59 2.38 -36.31
C ILE D 10 15.29 3.01 -35.87
N ARG D 11 14.45 2.26 -35.17
CA ARG D 11 13.22 2.82 -34.64
C ARG D 11 13.53 3.74 -33.46
N GLY D 12 14.04 3.17 -32.37
CA GLY D 12 14.50 3.96 -31.23
C GLY D 12 13.55 5.05 -30.79
N LEU D 13 14.10 6.21 -30.43
CA LEU D 13 13.35 7.37 -29.93
C LEU D 13 12.58 8.12 -31.01
N ALA D 14 12.97 7.96 -32.27
CA ALA D 14 12.31 8.69 -33.36
C ALA D 14 10.98 8.07 -33.73
N GLU D 15 10.79 6.78 -33.45
CA GLU D 15 9.68 6.07 -34.08
C GLU D 15 8.29 6.61 -33.73
N PRO D 16 8.01 6.96 -32.47
CA PRO D 16 6.73 7.62 -32.15
C PRO D 16 6.47 8.88 -32.99
N ILE D 17 7.50 9.67 -33.27
CA ILE D 17 7.37 10.85 -34.13
C ILE D 17 7.08 10.45 -35.57
N ARG D 18 7.81 9.47 -36.10
CA ARG D 18 7.55 8.96 -37.43
C ARG D 18 6.10 8.47 -37.53
N LEU D 19 5.61 7.78 -36.49
CA LEU D 19 4.24 7.24 -36.49
C LEU D 19 3.20 8.37 -36.50
N PHE D 20 3.44 9.41 -35.71
CA PHE D 20 2.59 10.59 -35.71
C PHE D 20 2.47 11.16 -37.12
N LEU D 21 3.61 11.38 -37.75
CA LEU D 21 3.67 12.02 -39.06
C LEU D 21 2.97 11.16 -40.12
N VAL D 22 3.24 9.87 -40.10
CA VAL D 22 2.66 8.96 -41.09
C VAL D 22 1.14 8.90 -40.92
N ASP D 23 0.69 8.72 -39.69
CA ASP D 23 -0.72 8.57 -39.42
C ASP D 23 -1.52 9.84 -39.76
N GLN D 24 -0.91 11.01 -39.58
CA GLN D 24 -1.57 12.27 -39.82
C GLN D 24 -1.38 12.73 -41.26
N ASP D 25 -0.66 11.92 -42.03
CA ASP D 25 -0.37 12.18 -43.44
C ASP D 25 0.35 13.52 -43.62
N ILE D 26 1.28 13.79 -42.70
CA ILE D 26 2.18 14.91 -42.82
C ILE D 26 3.44 14.40 -43.52
N LYS D 27 3.65 14.87 -44.75
CA LYS D 27 4.82 14.44 -45.50
C LYS D 27 6.09 15.04 -44.94
N PHE D 28 7.10 14.19 -44.79
CA PHE D 28 8.39 14.60 -44.27
C PHE D 28 9.55 13.83 -44.90
N ILE D 29 10.74 14.41 -44.79
CA ILE D 29 11.96 13.74 -45.17
C ILE D 29 12.39 12.90 -43.98
N ASP D 30 12.38 11.58 -44.15
CA ASP D 30 12.87 10.65 -43.14
C ASP D 30 14.37 10.47 -43.33
N ASP D 31 15.12 11.35 -42.69
CA ASP D 31 16.56 11.45 -42.84
C ASP D 31 17.27 10.47 -41.89
N ARG D 32 17.59 9.30 -42.39
CA ARG D 32 18.23 8.25 -41.60
C ARG D 32 19.73 8.23 -41.80
N ILE D 33 20.46 8.52 -40.72
CA ILE D 33 21.91 8.67 -40.74
C ILE D 33 22.59 7.36 -40.34
N ALA D 34 23.64 6.97 -41.08
CA ALA D 34 24.54 5.89 -40.65
C ALA D 34 25.32 6.34 -39.41
N LYS D 35 25.51 5.36 -38.52
CA LYS D 35 26.23 5.55 -37.24
C LYS D 35 27.58 6.24 -37.46
N ASP D 36 28.38 5.83 -38.43
CA ASP D 36 29.75 6.37 -38.66
C ASP D 36 29.74 7.80 -39.21
N ASP D 37 28.64 8.29 -39.73
CA ASP D 37 28.52 9.66 -40.24
C ASP D 37 28.11 10.67 -39.19
N PHE D 38 27.71 10.23 -38.00
CA PHE D 38 27.17 11.15 -37.01
C PHE D 38 28.24 12.08 -36.43
N SER D 39 29.44 11.54 -36.20
CA SER D 39 30.53 12.31 -35.59
C SER D 39 30.78 13.64 -36.27
N SER D 40 30.72 13.63 -37.61
CA SER D 40 31.05 14.82 -38.40
C SER D 40 29.98 15.91 -38.34
N ILE D 41 28.75 15.55 -37.97
CA ILE D 41 27.65 16.51 -37.87
C ILE D 41 27.13 16.75 -36.43
N LYS D 42 27.72 16.08 -35.44
CA LYS D 42 27.20 16.10 -34.07
C LYS D 42 27.04 17.52 -33.49
N SER D 43 27.97 18.41 -33.79
CA SER D 43 27.96 19.76 -33.22
C SER D 43 26.84 20.66 -33.77
N GLN D 44 26.19 20.23 -34.85
CA GLN D 44 25.04 20.92 -35.41
C GLN D 44 23.78 20.82 -34.55
N PHE D 45 23.77 19.90 -33.59
CA PHE D 45 22.59 19.68 -32.74
C PHE D 45 22.85 20.19 -31.34
N GLN D 46 21.80 20.75 -30.75
CA GLN D 46 21.92 21.58 -29.55
C GLN D 46 22.46 20.82 -28.34
N PHE D 47 22.16 19.52 -28.25
CA PHE D 47 22.73 18.66 -27.20
C PHE D 47 23.64 17.56 -27.77
N GLY D 48 23.98 17.69 -29.06
CA GLY D 48 24.89 16.77 -29.72
C GLY D 48 24.27 15.40 -29.96
N GLN D 49 22.95 15.34 -30.01
CA GLN D 49 22.23 14.09 -30.14
C GLN D 49 21.02 14.21 -31.07
N LEU D 50 20.47 13.06 -31.44
CA LEU D 50 19.26 12.96 -32.28
C LEU D 50 18.16 12.27 -31.47
N PRO D 51 16.88 12.36 -31.85
CA PRO D 51 16.41 12.97 -33.11
C PRO D 51 16.39 14.49 -33.13
N CYS D 52 16.25 14.99 -34.36
CA CYS D 52 16.10 16.40 -34.64
C CYS D 52 15.01 16.57 -35.68
N LEU D 53 14.04 17.42 -35.39
CA LEU D 53 13.05 17.85 -36.39
C LEU D 53 13.39 19.24 -36.89
N TYR D 54 13.57 19.35 -38.20
CA TYR D 54 13.59 20.63 -38.89
C TYR D 54 12.15 20.95 -39.33
N ASP D 55 11.59 22.02 -38.79
CA ASP D 55 10.28 22.49 -39.14
C ASP D 55 10.41 23.90 -39.70
N GLY D 56 10.35 24.00 -41.03
CA GLY D 56 10.65 25.25 -41.70
C GLY D 56 12.06 25.69 -41.33
N ASP D 57 12.17 26.86 -40.73
CA ASP D 57 13.47 27.39 -40.33
C ASP D 57 13.82 27.08 -38.86
N GLN D 58 12.96 26.30 -38.17
CA GLN D 58 13.19 25.92 -36.77
C GLN D 58 13.89 24.55 -36.70
N GLN D 59 14.91 24.45 -35.85
CA GLN D 59 15.61 23.21 -35.59
C GLN D 59 15.30 22.81 -34.15
N ILE D 60 14.60 21.69 -34.00
CA ILE D 60 14.08 21.25 -32.71
C ILE D 60 14.62 19.88 -32.40
N VAL D 61 15.42 19.79 -31.35
CA VAL D 61 15.85 18.51 -30.81
C VAL D 61 15.01 18.17 -29.58
N GLN D 62 15.27 16.98 -29.01
CA GLN D 62 14.57 16.40 -27.85
C GLN D 62 13.23 15.78 -28.25
N SER D 63 13.18 14.45 -28.28
CA SER D 63 12.03 13.70 -28.77
C SER D 63 10.69 14.11 -28.14
N GLY D 64 10.69 14.37 -26.85
CA GLY D 64 9.48 14.82 -26.17
C GLY D 64 9.02 16.19 -26.61
N ALA D 65 9.94 17.13 -26.77
CA ALA D 65 9.63 18.49 -27.23
C ALA D 65 9.17 18.50 -28.68
N ILE D 66 9.76 17.66 -29.53
CA ILE D 66 9.33 17.52 -30.92
C ILE D 66 7.87 17.06 -30.96
N LEU D 67 7.56 16.01 -30.21
CA LEU D 67 6.24 15.41 -30.24
C LEU D 67 5.18 16.39 -29.70
N ARG D 68 5.48 17.10 -28.62
CA ARG D 68 4.53 18.07 -28.07
C ARG D 68 4.35 19.28 -29.00
N HIS D 69 5.40 19.68 -29.72
CA HIS D 69 5.30 20.77 -30.71
C HIS D 69 4.39 20.34 -31.88
N LEU D 70 4.60 19.14 -32.39
CA LEU D 70 3.77 18.62 -33.49
C LEU D 70 2.31 18.46 -33.04
N ALA D 71 2.13 18.08 -31.79
CA ALA D 71 0.81 17.89 -31.22
C ALA D 71 0.04 19.20 -31.14
N ARG D 72 0.69 20.28 -30.69
CA ARG D 72 0.06 21.60 -30.67
C ARG D 72 -0.32 22.05 -32.10
N LYS D 73 0.60 21.90 -33.05
CA LYS D 73 0.33 22.34 -34.42
C LYS D 73 -0.85 21.60 -35.05
N TYR D 74 -1.00 20.32 -34.73
CA TYR D 74 -2.02 19.48 -35.37
C TYR D 74 -3.21 19.10 -34.46
N ASN D 75 -3.35 19.79 -33.31
CA ASN D 75 -4.53 19.61 -32.44
C ASN D 75 -4.64 18.19 -31.88
N LEU D 76 -3.49 17.60 -31.56
CA LEU D 76 -3.40 16.28 -30.94
C LEU D 76 -2.87 16.40 -29.50
N ASN D 77 -3.17 17.53 -28.86
CA ASN D 77 -2.64 17.88 -27.53
C ASN D 77 -3.73 17.98 -26.49
N GLY D 78 -4.87 17.32 -26.73
CA GLY D 78 -6.02 17.39 -25.85
C GLY D 78 -6.88 18.61 -26.15
N GLU D 79 -8.10 18.61 -25.61
CA GLU D 79 -9.06 19.71 -25.82
C GLU D 79 -9.17 20.66 -24.65
N ASN D 80 -8.66 20.26 -23.48
CA ASN D 80 -8.62 21.15 -22.33
C ASN D 80 -7.40 20.86 -21.47
N GLU D 81 -7.16 21.71 -20.47
CA GLU D 81 -5.98 21.58 -19.60
C GLU D 81 -5.80 20.19 -19.02
N MET D 82 -6.89 19.60 -18.51
CA MET D 82 -6.84 18.29 -17.89
C MET D 82 -6.44 17.18 -18.86
N GLU D 83 -6.94 17.23 -20.09
CA GLU D 83 -6.59 16.24 -21.11
C GLU D 83 -5.12 16.39 -21.52
N THR D 84 -4.67 17.64 -21.68
CA THR D 84 -3.28 17.94 -22.03
C THR D 84 -2.34 17.41 -20.95
N THR D 85 -2.72 17.60 -19.69
CA THR D 85 -1.91 17.12 -18.58
C THR D 85 -1.91 15.59 -18.56
N TYR D 86 -3.07 15.00 -18.80
CA TYR D 86 -3.23 13.56 -18.73
C TYR D 86 -2.37 12.83 -19.75
N ILE D 87 -2.43 13.28 -21.01
CA ILE D 87 -1.68 12.59 -22.06
C ILE D 87 -0.17 12.77 -21.87
N ASP D 88 0.22 13.94 -21.34
CA ASP D 88 1.61 14.22 -20.96
C ASP D 88 2.06 13.22 -19.88
N MET D 89 1.29 13.11 -18.80
CA MET D 89 1.56 12.16 -17.73
C MET D 89 1.64 10.72 -18.27
N PHE D 90 0.70 10.36 -19.14
CA PHE D 90 0.67 9.02 -19.71
C PHE D 90 1.94 8.80 -20.55
N CYS D 91 2.25 9.75 -21.41
CA CYS D 91 3.39 9.63 -22.32
C CYS D 91 4.71 9.58 -21.54
N GLU D 92 4.78 10.31 -20.43
CA GLU D 92 5.94 10.27 -19.56
C GLU D 92 6.13 8.89 -18.94
N GLY D 93 5.02 8.23 -18.60
CA GLY D 93 5.07 6.86 -18.10
C GLY D 93 5.61 5.91 -19.16
N VAL D 94 5.18 6.12 -20.41
CA VAL D 94 5.67 5.29 -21.50
C VAL D 94 7.17 5.43 -21.62
N ARG D 95 7.68 6.66 -21.46
CA ARG D 95 9.11 6.92 -21.60
C ARG D 95 9.90 6.23 -20.48
N ASP D 96 9.33 6.17 -19.28
CA ASP D 96 9.93 5.45 -18.17
C ASP D 96 10.10 3.97 -18.51
N LEU D 97 9.10 3.38 -19.16
CA LEU D 97 9.18 1.98 -19.57
C LEU D 97 10.26 1.82 -20.62
N HIS D 98 10.32 2.77 -21.56
CA HIS D 98 11.32 2.70 -22.61
C HIS D 98 12.75 2.79 -22.06
N VAL D 99 12.94 3.56 -20.99
CA VAL D 99 14.23 3.63 -20.29
C VAL D 99 14.63 2.28 -19.73
N LYS D 100 13.70 1.58 -19.08
CA LYS D 100 13.96 0.26 -18.53
C LYS D 100 14.30 -0.73 -19.65
N TYR D 101 13.52 -0.66 -20.74
CA TYR D 101 13.71 -1.51 -21.90
C TYR D 101 15.09 -1.32 -22.51
N THR D 102 15.48 -0.08 -22.80
CA THR D 102 16.76 0.20 -23.44
C THR D 102 17.95 -0.10 -22.55
N ARG D 103 17.81 0.06 -21.25
CA ARG D 103 18.89 -0.29 -20.33
C ARG D 103 19.18 -1.79 -20.46
N MET D 104 18.13 -2.59 -20.53
CA MET D 104 18.26 -4.03 -20.68
C MET D 104 18.88 -4.35 -22.06
N ILE D 105 18.32 -3.78 -23.12
CA ILE D 105 18.80 -4.04 -24.48
C ILE D 105 20.29 -3.72 -24.64
N TYR D 106 20.70 -2.55 -24.19
CA TYR D 106 22.03 -2.03 -24.49
C TYR D 106 23.09 -2.44 -23.48
N MET D 107 22.70 -2.71 -22.24
CA MET D 107 23.68 -2.96 -21.17
C MET D 107 23.70 -4.40 -20.68
N ALA D 108 22.62 -5.15 -20.86
CA ALA D 108 22.50 -6.46 -20.24
C ALA D 108 21.54 -7.42 -20.94
N TYR D 109 21.55 -7.43 -22.26
CA TYR D 109 20.59 -8.25 -23.01
C TYR D 109 20.73 -9.74 -22.74
N GLU D 110 21.97 -10.19 -22.57
CA GLU D 110 22.26 -11.63 -22.54
C GLU D 110 21.78 -12.29 -21.24
N THR D 111 21.81 -11.53 -20.15
CA THR D 111 21.50 -12.06 -18.81
C THR D 111 20.27 -11.43 -18.14
N GLU D 112 19.78 -10.31 -18.65
CA GLU D 112 18.64 -9.62 -18.02
C GLU D 112 17.34 -9.68 -18.83
N LYS D 113 17.38 -10.15 -20.07
CA LYS D 113 16.18 -10.22 -20.91
C LYS D 113 15.06 -11.06 -20.26
N ASP D 114 15.41 -12.26 -19.81
CA ASP D 114 14.39 -13.17 -19.30
C ASP D 114 13.78 -12.70 -17.97
N PRO D 115 14.59 -12.28 -16.99
CA PRO D 115 14.06 -11.64 -15.77
C PRO D 115 13.25 -10.36 -16.05
N TYR D 116 13.67 -9.56 -17.02
CA TYR D 116 12.89 -8.40 -17.42
C TYR D 116 11.50 -8.82 -17.92
N ILE D 117 11.47 -9.79 -18.84
CA ILE D 117 10.20 -10.34 -19.35
C ILE D 117 9.33 -10.94 -18.24
N LYS D 118 9.95 -11.66 -17.30
CA LYS D 118 9.18 -12.41 -16.29
C LYS D 118 8.82 -11.57 -15.06
N SER D 119 9.75 -10.76 -14.58
CA SER D 119 9.62 -10.15 -13.27
C SER D 119 9.46 -8.64 -13.25
N ILE D 120 9.80 -7.96 -14.33
CA ILE D 120 9.70 -6.51 -14.39
C ILE D 120 8.55 -6.04 -15.29
N LEU D 121 8.51 -6.54 -16.52
CA LEU D 121 7.57 -6.06 -17.52
C LEU D 121 6.09 -6.19 -17.15
N PRO D 122 5.66 -7.35 -16.65
CA PRO D 122 4.23 -7.52 -16.35
C PRO D 122 3.70 -6.45 -15.39
N GLY D 123 4.44 -6.15 -14.34
CA GLY D 123 4.07 -5.12 -13.38
C GLY D 123 4.01 -3.72 -14.00
N GLU D 124 4.90 -3.46 -14.95
CA GLU D 124 4.91 -2.17 -15.65
C GLU D 124 3.72 -2.02 -16.59
N LEU D 125 3.43 -3.08 -17.36
CA LEU D 125 2.28 -3.09 -18.27
C LEU D 125 0.97 -2.97 -17.52
N ALA D 126 0.89 -3.57 -16.34
CA ALA D 126 -0.34 -3.49 -15.55
C ALA D 126 -0.69 -2.05 -15.20
N LYS D 127 0.33 -1.22 -14.96
CA LYS D 127 0.09 0.19 -14.69
C LYS D 127 -0.64 0.87 -15.85
N PHE D 128 -0.27 0.56 -17.09
CA PHE D 128 -0.91 1.13 -18.27
C PHE D 128 -2.29 0.54 -18.54
N GLU D 129 -2.47 -0.75 -18.27
CA GLU D 129 -3.79 -1.36 -18.41
C GLU D 129 -4.79 -0.66 -17.46
N LYS D 130 -4.36 -0.38 -16.24
CA LYS D 130 -5.21 0.30 -15.24
C LYS D 130 -5.53 1.72 -15.69
N LEU D 131 -4.51 2.42 -16.15
CA LEU D 131 -4.63 3.82 -16.52
C LEU D 131 -5.47 4.02 -17.79
N LEU D 132 -5.24 3.14 -18.78
CA LEU D 132 -5.92 3.21 -20.06
C LEU D 132 -7.43 3.12 -19.87
N ALA D 133 -7.85 2.31 -18.89
CA ALA D 133 -9.26 2.13 -18.57
C ALA D 133 -9.97 3.40 -18.04
N THR D 134 -9.23 4.43 -17.63
CA THR D 134 -9.85 5.61 -17.01
C THR D 134 -10.57 6.55 -17.98
N ARG D 135 -10.41 6.34 -19.28
CA ARG D 135 -11.13 7.10 -20.30
C ARG D 135 -11.70 6.20 -21.39
N GLY D 136 -12.97 6.39 -21.73
CA GLY D 136 -13.65 5.54 -22.71
C GLY D 136 -13.58 4.05 -22.42
N ASN D 137 -13.54 3.70 -21.14
CA ASN D 137 -13.37 2.32 -20.66
C ASN D 137 -12.08 1.61 -21.10
N GLY D 138 -11.13 2.36 -21.66
CA GLY D 138 -9.92 1.82 -22.24
C GLY D 138 -10.12 1.05 -23.53
N ARG D 139 -11.27 1.21 -24.16
CA ARG D 139 -11.66 0.38 -25.30
C ARG D 139 -11.45 1.09 -26.65
N ASN D 140 -10.85 2.28 -26.60
CA ASN D 140 -10.53 3.02 -27.81
C ASN D 140 -9.11 3.60 -27.71
N LEU D 141 -8.97 4.92 -27.57
CA LEU D 141 -7.64 5.54 -27.48
C LEU D 141 -7.42 6.11 -26.08
N ILE D 142 -6.26 6.73 -25.85
CA ILE D 142 -5.93 7.19 -24.49
C ILE D 142 -6.96 8.20 -23.94
N LEU D 143 -7.45 9.09 -24.81
CA LEU D 143 -8.42 10.11 -24.39
C LEU D 143 -9.86 9.67 -24.63
N GLY D 144 -10.03 8.51 -25.25
CA GLY D 144 -11.34 7.97 -25.59
C GLY D 144 -11.50 7.95 -27.09
N ASP D 145 -12.26 8.95 -27.60
CA ASP D 145 -12.64 8.87 -29.01
C ASP D 145 -11.68 9.68 -29.91
N LYS D 146 -10.93 10.62 -29.32
CA LYS D 146 -9.98 11.43 -30.13
C LYS D 146 -8.53 10.97 -29.89
N ILE D 147 -7.79 10.88 -30.99
CA ILE D 147 -6.37 10.46 -30.96
C ILE D 147 -5.51 11.63 -30.49
N SER D 148 -4.41 11.31 -29.82
CA SER D 148 -3.46 12.28 -29.30
C SER D 148 -2.05 11.75 -29.54
N TYR D 149 -1.05 12.58 -29.27
CA TYR D 149 0.32 12.20 -29.53
C TYR D 149 0.76 11.01 -28.67
N ALA D 150 0.20 10.90 -27.48
CA ALA D 150 0.56 9.82 -26.57
C ALA D 150 0.21 8.44 -27.16
N ASP D 151 -0.88 8.34 -27.93
CA ASP D 151 -1.25 7.06 -28.54
C ASP D 151 -0.11 6.44 -29.38
N TYR D 152 0.60 7.27 -30.15
CA TYR D 152 1.71 6.78 -30.97
C TYR D 152 2.86 6.25 -30.13
N ALA D 153 3.16 6.90 -29.01
CA ALA D 153 4.22 6.45 -28.11
C ALA D 153 3.82 5.13 -27.45
N LEU D 154 2.58 5.03 -26.94
CA LEU D 154 2.12 3.79 -26.34
C LEU D 154 2.13 2.66 -27.38
N PHE D 155 1.62 2.93 -28.58
CA PHE D 155 1.60 1.93 -29.67
C PHE D 155 3.00 1.35 -29.92
N GLU D 156 3.96 2.23 -30.12
CA GLU D 156 5.33 1.81 -30.37
C GLU D 156 5.90 1.00 -29.20
N GLU D 157 5.64 1.42 -27.97
CA GLU D 157 6.23 0.72 -26.82
C GLU D 157 5.63 -0.68 -26.68
N LEU D 158 4.34 -0.79 -26.94
CA LEU D 158 3.69 -2.10 -26.92
C LEU D 158 4.19 -2.98 -28.05
N ASP D 159 4.49 -2.38 -29.19
CA ASP D 159 4.92 -3.12 -30.36
C ASP D 159 6.32 -3.67 -30.17
N VAL D 160 7.25 -2.85 -29.67
CA VAL D 160 8.61 -3.32 -29.45
C VAL D 160 8.62 -4.37 -28.34
N HIS D 161 7.71 -4.26 -27.38
CA HIS D 161 7.67 -5.23 -26.29
C HIS D 161 7.09 -6.57 -26.73
N GLN D 162 6.18 -6.55 -27.70
CA GLN D 162 5.68 -7.80 -28.31
C GLN D 162 6.73 -8.49 -29.20
N ILE D 163 7.64 -7.72 -29.77
CA ILE D 163 8.77 -8.32 -30.48
C ILE D 163 9.65 -9.05 -29.47
N LEU D 164 9.85 -8.42 -28.32
CA LEU D 164 10.71 -8.96 -27.27
C LEU D 164 10.11 -10.23 -26.69
N ASP D 165 8.82 -10.19 -26.39
CA ASP D 165 8.07 -11.27 -25.79
C ASP D 165 6.68 -11.26 -26.43
N PRO D 166 6.45 -12.12 -27.43
CA PRO D 166 5.16 -12.16 -28.14
C PRO D 166 3.91 -12.33 -27.27
N HIS D 167 4.04 -12.93 -26.09
CA HIS D 167 2.91 -13.14 -25.18
C HIS D 167 2.74 -12.06 -24.08
N CYS D 168 3.49 -10.95 -24.16
CA CYS D 168 3.50 -10.00 -23.05
C CYS D 168 2.15 -9.31 -22.78
N LEU D 169 1.30 -9.21 -23.80
CA LEU D 169 -0.01 -8.58 -23.64
C LEU D 169 -1.16 -9.58 -23.38
N ASP D 170 -0.84 -10.86 -23.26
CA ASP D 170 -1.87 -11.89 -23.02
C ASP D 170 -2.79 -11.53 -21.86
N LYS D 171 -2.19 -11.11 -20.76
CA LYS D 171 -2.90 -10.79 -19.51
C LYS D 171 -3.53 -9.39 -19.51
N PHE D 172 -3.29 -8.62 -20.57
CA PHE D 172 -3.69 -7.21 -20.64
C PHE D 172 -4.53 -6.91 -21.88
N PRO D 173 -5.82 -7.29 -21.87
CA PRO D 173 -6.69 -7.19 -23.05
C PRO D 173 -6.92 -5.78 -23.59
N LEU D 174 -7.00 -4.77 -22.73
CA LEU D 174 -7.15 -3.40 -23.20
C LEU D 174 -5.90 -2.97 -23.99
N LEU D 175 -4.72 -3.31 -23.50
CA LEU D 175 -3.47 -2.95 -24.19
C LEU D 175 -3.35 -3.74 -25.50
N LYS D 176 -3.72 -5.02 -25.48
CA LYS D 176 -3.63 -5.85 -26.67
C LYS D 176 -4.55 -5.30 -27.76
N VAL D 177 -5.78 -4.96 -27.37
CA VAL D 177 -6.79 -4.44 -28.30
C VAL D 177 -6.40 -3.08 -28.85
N PHE D 178 -5.88 -2.21 -27.97
CA PHE D 178 -5.39 -0.89 -28.34
C PHE D 178 -4.26 -1.01 -29.38
N HIS D 179 -3.36 -1.96 -29.15
CA HIS D 179 -2.19 -2.12 -30.00
C HIS D 179 -2.65 -2.53 -31.40
N GLN D 180 -3.64 -3.41 -31.48
CA GLN D 180 -4.16 -3.86 -32.77
C GLN D 180 -4.95 -2.74 -33.45
N ARG D 181 -5.69 -1.94 -32.66
CA ARG D 181 -6.47 -0.82 -33.19
C ARG D 181 -5.59 0.20 -33.89
N MET D 182 -4.50 0.56 -33.24
CA MET D 182 -3.54 1.49 -33.83
C MET D 182 -2.92 0.93 -35.11
N LYS D 183 -2.55 -0.35 -35.07
CA LYS D 183 -1.94 -1.03 -36.22
C LYS D 183 -2.91 -1.13 -37.40
N ASP D 184 -4.21 -1.16 -37.11
CA ASP D 184 -5.24 -1.26 -38.17
C ASP D 184 -5.59 0.09 -38.81
N ARG D 185 -5.15 1.20 -38.24
CA ARG D 185 -5.37 2.49 -38.88
C ARG D 185 -4.69 2.42 -40.24
N PRO D 186 -5.38 2.75 -41.31
CA PRO D 186 -4.88 2.46 -42.68
C PRO D 186 -3.45 2.92 -42.97
N LYS D 187 -3.10 4.14 -42.58
CA LYS D 187 -1.77 4.66 -42.88
C LYS D 187 -0.69 3.93 -42.07
N LEU D 188 -1.02 3.54 -40.83
CA LEU D 188 -0.09 2.77 -40.00
C LEU D 188 0.00 1.31 -40.44
N LYS D 189 -1.09 0.74 -40.92
CA LYS D 189 -1.05 -0.65 -41.39
C LYS D 189 -0.05 -0.77 -42.54
N GLU D 190 -0.13 0.14 -43.51
CA GLU D 190 0.76 0.10 -44.66
C GLU D 190 2.19 0.37 -44.23
N TYR D 191 2.39 1.36 -43.36
CA TYR D 191 3.72 1.71 -42.87
C TYR D 191 4.38 0.56 -42.13
N CYS D 192 3.63 -0.09 -41.22
CA CYS D 192 4.16 -1.20 -40.43
C CYS D 192 4.50 -2.43 -41.28
N GLU D 193 3.74 -2.65 -42.35
CA GLU D 193 4.04 -3.70 -43.32
C GLU D 193 5.41 -3.49 -43.97
N LYS D 194 5.69 -2.27 -44.41
CA LYS D 194 6.96 -1.98 -45.07
C LYS D 194 8.11 -2.00 -44.05
N ARG D 195 7.83 -1.57 -42.83
CA ARG D 195 8.81 -1.61 -41.76
C ARG D 195 9.21 -3.06 -41.45
N ASP D 196 8.21 -3.94 -41.41
CA ASP D 196 8.42 -5.37 -41.18
C ASP D 196 9.17 -6.05 -42.33
N ALA D 197 8.83 -5.69 -43.55
CA ALA D 197 9.50 -6.25 -44.72
C ALA D 197 10.99 -5.93 -44.73
N ALA D 198 11.35 -4.71 -44.31
CA ALA D 198 12.73 -4.26 -44.28
C ALA D 198 13.45 -4.72 -43.01
N LYS D 199 12.68 -5.31 -42.10
CA LYS D 199 13.17 -5.72 -40.79
C LYS D 199 14.02 -4.62 -40.17
N VAL D 200 13.42 -3.43 -40.08
CA VAL D 200 14.09 -2.26 -39.50
C VAL D 200 14.45 -2.60 -38.06
N PRO D 201 15.73 -2.45 -37.69
CA PRO D 201 16.17 -2.74 -36.31
C PRO D 201 15.50 -1.81 -35.32
N VAL D 202 15.08 -2.34 -34.18
CA VAL D 202 14.43 -1.53 -33.17
C VAL D 202 15.48 -0.65 -32.49
N ASN D 203 16.65 -1.22 -32.26
CA ASN D 203 17.72 -0.60 -31.51
C ASN D 203 19.02 -0.56 -32.29
N GLY D 204 19.98 0.20 -31.76
CA GLY D 204 21.24 0.45 -32.43
C GLY D 204 22.22 -0.71 -32.39
N ASN D 205 21.97 -1.67 -31.50
CA ASN D 205 22.85 -2.85 -31.38
C ASN D 205 22.30 -4.13 -32.00
N GLY D 206 21.16 -4.04 -32.69
CA GLY D 206 20.56 -5.17 -33.38
C GLY D 206 19.79 -6.15 -32.49
N LYS D 207 19.81 -5.95 -31.17
CA LYS D 207 19.15 -6.84 -30.24
C LYS D 207 17.71 -6.34 -30.04
N GLN D 208 16.76 -7.26 -29.92
CA GLN D 208 15.35 -6.90 -29.71
C GLN D 208 14.52 -8.11 -29.27
#